data_3ZHB
#
_entry.id   3ZHB
#
_cell.length_a   205.790
_cell.length_b   130.310
_cell.length_c   77.700
_cell.angle_alpha   90.00
_cell.angle_beta   107.08
_cell.angle_gamma   90.00
#
_symmetry.space_group_name_H-M   'C 1 2 1'
#
loop_
_entity.id
_entity.type
_entity.pdbx_description
1 polymer 'R-IMINE REDUCTASE'
2 non-polymer 'NADP NICOTINAMIDE-ADENINE-DINUCLEOTIDE PHOSPHATE'
3 water water
#
_entity_poly.entity_id   1
_entity_poly.type   'polypeptide(L)'
_entity_poly.pdbx_seq_one_letter_code
;MPDNPSTKGRMMRNQQAEHTPVTVIGLGLMGQALAGAFLGAGHPTTVWNRTAAKAEPLVARGAKSAGSVAEAVAASPLVV
VCVSDYDAVHALLDPLDGTALQGRTLVNLTSGTSAQARERAAWADGRGADYLDGAILAGPAAIGTADAVVLLSGPRSAFD
PHASALGGLGAGTTYLGADHGLASLYDAAGLVMMWSILNGFLQGAALLGTAGVDATTFAPFITQGIGTVADWLPGYARQI
DDGAYPADDAAIDTHLATMEHLIHESEFLGVNAELPRFIKALADRAVADGHGGSGYPALIEQFRTHSGK
;
_entity_poly.pdbx_strand_id   A,B,C,D
#
# COMPACT_ATOMS: atom_id res chain seq x y z
N GLU A 18 -18.61 -32.29 -12.79
CA GLU A 18 -19.10 -33.01 -14.00
C GLU A 18 -18.75 -32.18 -15.27
N HIS A 19 -18.97 -32.80 -16.44
CA HIS A 19 -19.14 -32.06 -17.68
C HIS A 19 -20.67 -31.77 -17.79
N THR A 20 -21.14 -30.94 -16.85
CA THR A 20 -22.44 -30.20 -16.90
C THR A 20 -22.23 -28.75 -17.32
N PRO A 21 -22.84 -28.33 -18.42
CA PRO A 21 -22.43 -27.03 -18.99
C PRO A 21 -23.04 -25.87 -18.25
N VAL A 22 -22.27 -24.78 -18.08
CA VAL A 22 -22.79 -23.56 -17.47
C VAL A 22 -22.35 -22.33 -18.25
N THR A 23 -23.22 -21.35 -18.30
CA THR A 23 -22.97 -20.09 -18.98
C THR A 23 -22.75 -18.98 -17.94
N VAL A 24 -21.86 -18.05 -18.25
CA VAL A 24 -21.61 -16.87 -17.41
C VAL A 24 -21.70 -15.60 -18.24
N ILE A 25 -22.64 -14.75 -17.86
CA ILE A 25 -22.90 -13.52 -18.52
C ILE A 25 -22.41 -12.41 -17.60
N GLY A 26 -21.48 -11.60 -18.11
CA GLY A 26 -20.87 -10.52 -17.37
C GLY A 26 -19.46 -10.92 -17.00
N LEU A 27 -18.45 -10.12 -17.39
CA LEU A 27 -17.02 -10.48 -17.23
C LEU A 27 -16.19 -9.33 -16.70
N GLY A 28 -16.75 -8.62 -15.74
CA GLY A 28 -15.98 -7.70 -14.89
C GLY A 28 -15.12 -8.54 -14.01
N LEU A 29 -14.50 -7.91 -13.05
CA LEU A 29 -13.61 -8.66 -12.13
C LEU A 29 -14.30 -9.91 -11.58
N MET A 30 -15.53 -9.74 -11.08
CA MET A 30 -16.21 -10.85 -10.45
C MET A 30 -16.72 -11.88 -11.46
N GLY A 31 -17.21 -11.41 -12.59
CA GLY A 31 -17.66 -12.33 -13.63
C GLY A 31 -16.58 -13.29 -14.11
N GLN A 32 -15.37 -12.75 -14.32
CA GLN A 32 -14.21 -13.57 -14.66
C GLN A 32 -13.89 -14.62 -13.62
N ALA A 33 -13.80 -14.19 -12.36
CA ALA A 33 -13.60 -15.15 -11.27
C ALA A 33 -14.64 -16.29 -11.32
N LEU A 34 -15.90 -15.95 -11.57
CA LEU A 34 -16.92 -16.95 -11.60
C LEU A 34 -16.70 -17.96 -12.70
N ALA A 35 -16.49 -17.44 -13.91
CA ALA A 35 -16.18 -18.29 -15.06
C ALA A 35 -14.94 -19.16 -14.84
N GLY A 36 -13.92 -18.56 -14.20
CA GLY A 36 -12.69 -19.27 -13.82
C GLY A 36 -12.97 -20.46 -12.93
N ALA A 37 -13.79 -20.28 -11.92
CA ALA A 37 -14.15 -21.38 -11.03
C ALA A 37 -14.92 -22.47 -11.80
N PHE A 38 -15.76 -22.10 -12.74
CA PHE A 38 -16.54 -23.13 -13.47
C PHE A 38 -15.68 -23.97 -14.42
N LEU A 39 -14.72 -23.32 -15.08
CA LEU A 39 -13.69 -24.03 -15.87
C LEU A 39 -12.83 -24.94 -14.99
N GLY A 40 -12.18 -24.34 -14.00
CA GLY A 40 -11.38 -25.07 -13.00
C GLY A 40 -12.06 -26.28 -12.37
N ALA A 41 -13.39 -26.32 -12.36
CA ALA A 41 -14.11 -27.45 -11.83
C ALA A 41 -14.51 -28.43 -12.92
N GLY A 42 -14.09 -28.18 -14.15
CA GLY A 42 -14.36 -29.10 -15.26
C GLY A 42 -15.66 -28.92 -16.03
N HIS A 43 -16.23 -27.73 -15.98
CA HIS A 43 -17.53 -27.52 -16.61
C HIS A 43 -17.27 -27.01 -18.02
N PRO A 44 -18.00 -27.53 -19.00
CA PRO A 44 -18.09 -26.85 -20.33
C PRO A 44 -18.74 -25.46 -20.26
N THR A 45 -17.90 -24.43 -20.28
CA THR A 45 -18.24 -23.12 -19.79
C THR A 45 -18.35 -22.11 -20.91
N THR A 46 -19.57 -21.74 -21.27
CA THR A 46 -19.80 -20.66 -22.23
C THR A 46 -19.89 -19.29 -21.60
N VAL A 47 -19.37 -18.30 -22.30
CA VAL A 47 -19.13 -17.00 -21.72
C VAL A 47 -19.62 -15.88 -22.67
N TRP A 48 -20.04 -14.74 -22.10
CA TRP A 48 -20.41 -13.55 -22.88
C TRP A 48 -20.22 -12.28 -22.07
N ASN A 49 -19.76 -11.21 -22.71
CA ASN A 49 -19.67 -9.88 -22.08
C ASN A 49 -19.93 -8.82 -23.14
N ARG A 50 -20.52 -7.72 -22.74
CA ARG A 50 -20.83 -6.61 -23.65
C ARG A 50 -19.59 -6.21 -24.47
N THR A 51 -18.59 -5.79 -23.75
CA THR A 51 -17.26 -5.61 -24.24
C THR A 51 -16.64 -6.99 -24.46
N ALA A 52 -16.97 -7.62 -25.59
CA ALA A 52 -16.43 -8.94 -25.91
C ALA A 52 -14.91 -8.93 -25.94
N ALA A 53 -14.31 -10.09 -25.68
CA ALA A 53 -12.86 -10.22 -25.68
C ALA A 53 -12.26 -9.60 -24.42
N LYS A 54 -13.04 -9.58 -23.35
CA LYS A 54 -12.58 -9.01 -22.08
C LYS A 54 -12.21 -10.11 -21.09
N GLU A 56 -11.61 -13.96 -23.87
CA GLU A 56 -10.13 -13.69 -24.05
C GLU A 56 -9.21 -14.57 -23.19
N PRO A 57 -8.78 -14.11 -21.98
CA PRO A 57 -8.06 -15.11 -21.14
C PRO A 57 -8.88 -16.36 -20.82
N LEU A 58 -10.18 -16.19 -20.66
CA LEU A 58 -11.02 -17.32 -20.37
C LEU A 58 -11.11 -18.29 -21.53
N VAL A 59 -11.28 -17.80 -22.76
CA VAL A 59 -11.29 -18.71 -23.94
C VAL A 59 -9.90 -19.31 -24.15
N ALA A 60 -8.86 -18.64 -23.65
CA ALA A 60 -7.50 -19.17 -23.60
C ALA A 60 -7.31 -20.36 -22.61
N ARG A 61 -8.00 -20.37 -21.46
CA ARG A 61 -8.29 -21.63 -20.76
C ARG A 61 -9.35 -22.32 -21.68
N GLY A 62 -10.03 -23.40 -21.30
CA GLY A 62 -10.97 -24.04 -22.27
C GLY A 62 -12.28 -23.35 -22.70
N ALA A 63 -12.49 -22.05 -22.41
CA ALA A 63 -13.84 -21.47 -22.53
C ALA A 63 -14.34 -21.21 -23.96
N LYS A 64 -15.60 -21.60 -24.24
CA LYS A 64 -16.26 -21.29 -25.51
C LYS A 64 -16.85 -19.89 -25.36
N SER A 65 -16.43 -18.97 -26.23
CA SER A 65 -17.04 -17.63 -26.30
C SER A 65 -18.30 -17.66 -27.18
N ALA A 66 -19.13 -16.62 -27.07
CA ALA A 66 -20.47 -16.66 -27.68
C ALA A 66 -20.80 -15.36 -28.39
N GLY A 67 -21.66 -15.47 -29.41
CA GLY A 67 -21.92 -14.35 -30.33
C GLY A 67 -22.81 -13.28 -29.77
N SER A 68 -23.77 -13.70 -28.96
CA SER A 68 -24.76 -12.81 -28.39
C SER A 68 -25.24 -13.35 -27.07
N VAL A 69 -26.08 -12.56 -26.39
CA VAL A 69 -26.69 -13.02 -25.15
C VAL A 69 -27.57 -14.22 -25.41
N ALA A 70 -28.32 -14.21 -26.52
CA ALA A 70 -29.25 -15.30 -26.77
C ALA A 70 -28.53 -16.64 -26.95
N GLU A 71 -27.40 -16.58 -27.64
CA GLU A 71 -26.58 -17.77 -27.93
C GLU A 71 -26.02 -18.29 -26.59
N ALA A 72 -25.57 -17.36 -25.73
CA ALA A 72 -25.03 -17.72 -24.40
C ALA A 72 -26.06 -18.45 -23.53
N VAL A 73 -27.29 -17.98 -23.57
CA VAL A 73 -28.35 -18.59 -22.82
C VAL A 73 -28.72 -19.95 -23.41
N ALA A 74 -28.71 -20.08 -24.74
CA ALA A 74 -29.04 -21.37 -25.42
C ALA A 74 -28.02 -22.48 -25.19
N ALA A 75 -26.81 -22.08 -24.76
CA ALA A 75 -25.71 -23.01 -24.56
C ALA A 75 -25.78 -23.95 -23.36
N SER A 76 -26.50 -23.56 -22.31
CA SER A 76 -26.41 -24.27 -21.03
C SER A 76 -27.74 -24.30 -20.33
N PRO A 77 -28.05 -25.38 -19.60
CA PRO A 77 -29.25 -25.36 -18.76
C PRO A 77 -29.10 -24.49 -17.45
N LEU A 78 -27.86 -24.17 -17.08
CA LEU A 78 -27.56 -23.33 -15.96
C LEU A 78 -26.90 -22.06 -16.44
N VAL A 79 -27.55 -20.92 -16.15
CA VAL A 79 -27.07 -19.60 -16.58
C VAL A 79 -26.83 -18.66 -15.42
N VAL A 80 -25.63 -18.15 -15.32
CA VAL A 80 -25.25 -17.28 -14.22
C VAL A 80 -24.97 -15.89 -14.72
N VAL A 81 -25.44 -14.89 -13.97
CA VAL A 81 -25.36 -13.52 -14.40
C VAL A 81 -24.72 -12.71 -13.32
N CYS A 82 -23.70 -11.97 -13.70
CA CYS A 82 -23.03 -11.10 -12.77
C CYS A 82 -22.57 -9.84 -13.49
N VAL A 83 -23.36 -8.78 -13.36
CA VAL A 83 -23.12 -7.50 -14.02
C VAL A 83 -23.27 -6.44 -12.97
N SER A 84 -23.19 -5.19 -13.35
CA SER A 84 -22.97 -4.16 -12.30
C SER A 84 -24.16 -3.97 -11.39
N ASP A 85 -25.35 -3.84 -11.98
CA ASP A 85 -26.59 -3.66 -11.24
C ASP A 85 -27.81 -4.23 -12.00
N TYR A 86 -28.99 -4.16 -11.37
CA TYR A 86 -30.16 -4.86 -11.92
C TYR A 86 -30.67 -4.10 -13.15
N ASP A 87 -30.27 -2.85 -13.31
CA ASP A 87 -30.58 -2.10 -14.55
C ASP A 87 -29.86 -2.71 -15.74
N ALA A 88 -28.58 -3.04 -15.55
CA ALA A 88 -27.90 -3.82 -16.55
C ALA A 88 -28.59 -5.15 -16.79
N VAL A 89 -29.07 -5.79 -15.73
CA VAL A 89 -29.69 -7.11 -15.89
C VAL A 89 -30.92 -6.98 -16.76
N HIS A 90 -31.73 -5.99 -16.45
CA HIS A 90 -32.87 -5.60 -17.28
C HIS A 90 -32.44 -5.45 -18.74
N ALA A 91 -31.37 -4.69 -18.96
CA ALA A 91 -30.93 -4.39 -20.31
C ALA A 91 -30.57 -5.66 -21.13
N LEU A 92 -29.99 -6.65 -20.48
CA LEU A 92 -29.54 -7.83 -21.18
C LEU A 92 -30.59 -8.89 -21.27
N LEU A 93 -31.52 -8.95 -20.32
CA LEU A 93 -32.44 -10.11 -20.24
C LEU A 93 -33.84 -9.82 -20.72
N ASP A 94 -34.30 -8.58 -20.55
CA ASP A 94 -35.64 -8.26 -20.94
C ASP A 94 -35.85 -8.48 -22.43
N PRO A 95 -34.87 -8.15 -23.27
CA PRO A 95 -35.15 -8.29 -24.70
C PRO A 95 -35.25 -9.73 -25.21
N LEU A 96 -34.94 -10.73 -24.40
CA LEU A 96 -34.93 -12.11 -24.91
C LEU A 96 -36.32 -12.56 -25.32
N ASP A 97 -36.39 -13.52 -26.27
CA ASP A 97 -37.64 -14.27 -26.61
C ASP A 97 -38.23 -14.97 -25.38
N GLY A 98 -39.54 -15.16 -25.42
CA GLY A 98 -40.27 -15.81 -24.33
C GLY A 98 -39.81 -17.24 -24.09
N THR A 99 -39.34 -17.89 -25.17
CA THR A 99 -38.90 -19.29 -25.11
C THR A 99 -37.46 -19.49 -24.65
N ALA A 100 -36.62 -18.46 -24.81
CA ALA A 100 -35.18 -18.59 -24.55
C ALA A 100 -34.80 -19.14 -23.17
N LEU A 101 -35.58 -18.81 -22.14
CA LEU A 101 -35.30 -19.32 -20.80
C LEU A 101 -36.13 -20.54 -20.39
N GLN A 102 -37.15 -20.93 -21.17
CA GLN A 102 -37.96 -22.09 -20.80
C GLN A 102 -37.13 -23.29 -20.44
N GLY A 103 -37.40 -23.83 -19.28
CA GLY A 103 -36.70 -25.00 -18.79
C GLY A 103 -35.30 -24.77 -18.26
N ARG A 104 -34.87 -23.54 -18.14
CA ARG A 104 -33.52 -23.28 -17.62
C ARG A 104 -33.54 -22.67 -16.23
N THR A 105 -32.41 -22.74 -15.55
CA THR A 105 -32.24 -22.17 -14.24
C THR A 105 -31.34 -21.01 -14.38
N LEU A 106 -31.82 -19.87 -13.91
CA LEU A 106 -31.08 -18.64 -13.91
C LEU A 106 -30.65 -18.29 -12.50
N VAL A 107 -29.38 -18.00 -12.36
CA VAL A 107 -28.80 -17.58 -11.09
C VAL A 107 -28.19 -16.18 -11.25
N ASN A 108 -28.77 -15.23 -10.55
CA ASN A 108 -28.35 -13.85 -10.67
C ASN A 108 -27.55 -13.47 -9.46
N LEU A 109 -26.25 -13.32 -9.63
CA LEU A 109 -25.36 -12.98 -8.52
C LEU A 109 -24.98 -11.50 -8.53
N THR A 110 -25.72 -10.71 -9.29
CA THR A 110 -25.63 -9.26 -9.20
C THR A 110 -26.17 -8.77 -7.87
N SER A 111 -25.50 -7.78 -7.35
CA SER A 111 -25.93 -7.09 -6.13
C SER A 111 -27.10 -6.18 -6.37
N GLY A 112 -28.06 -6.19 -5.47
CA GLY A 112 -29.20 -5.29 -5.57
C GLY A 112 -30.13 -5.35 -4.37
N THR A 113 -31.34 -4.80 -4.47
CA THR A 113 -32.28 -4.85 -3.36
C THR A 113 -33.19 -6.04 -3.41
N SER A 114 -33.79 -6.30 -2.28
CA SER A 114 -34.75 -7.38 -2.17
C SER A 114 -35.87 -7.18 -3.19
N ALA A 115 -36.23 -5.92 -3.47
CA ALA A 115 -37.35 -5.67 -4.38
C ALA A 115 -36.97 -5.95 -5.79
N GLN A 116 -35.73 -5.65 -6.12
CA GLN A 116 -35.17 -6.02 -7.43
C GLN A 116 -35.11 -7.53 -7.62
N ALA A 117 -34.78 -8.26 -6.56
CA ALA A 117 -34.70 -9.71 -6.62
C ALA A 117 -36.09 -10.33 -6.79
N ARG A 118 -37.02 -9.87 -5.98
CA ARG A 118 -38.35 -10.39 -6.04
C ARG A 118 -39.00 -10.10 -7.42
N GLU A 119 -38.65 -8.95 -8.03
CA GLU A 119 -39.12 -8.63 -9.39
C GLU A 119 -38.61 -9.61 -10.48
N ARG A 120 -37.32 -9.85 -10.48
CA ARG A 120 -36.76 -10.82 -11.39
C ARG A 120 -37.38 -12.19 -11.15
N ALA A 121 -37.65 -12.55 -9.89
CA ALA A 121 -38.22 -13.88 -9.65
C ALA A 121 -39.58 -13.98 -10.32
N ALA A 122 -40.40 -12.97 -10.16
CA ALA A 122 -41.68 -12.96 -10.89
C ALA A 122 -41.43 -13.05 -12.41
N TRP A 123 -40.50 -12.25 -12.92
CA TRP A 123 -40.25 -12.19 -14.34
C TRP A 123 -39.80 -13.53 -14.87
N ALA A 124 -38.88 -14.13 -14.13
CA ALA A 124 -38.34 -15.40 -14.52
C ALA A 124 -39.41 -16.46 -14.46
N ASP A 125 -40.26 -16.39 -13.47
CA ASP A 125 -41.31 -17.37 -13.44
C ASP A 125 -42.22 -17.28 -14.69
N GLY A 126 -42.64 -16.09 -15.04
CA GLY A 126 -43.50 -15.88 -16.20
C GLY A 126 -42.81 -16.22 -17.52
N ARG A 127 -41.50 -16.27 -17.51
CA ARG A 127 -40.70 -16.61 -18.65
C ARG A 127 -40.40 -18.16 -18.69
N GLY A 128 -41.10 -18.92 -17.83
CA GLY A 128 -40.91 -20.36 -17.69
C GLY A 128 -39.56 -20.85 -17.15
N ALA A 129 -38.96 -20.12 -16.22
CA ALA A 129 -37.63 -20.48 -15.73
C ALA A 129 -37.59 -20.59 -14.19
N ASP A 130 -36.69 -21.40 -13.71
CA ASP A 130 -36.32 -21.43 -12.32
C ASP A 130 -35.31 -20.30 -12.05
N TYR A 131 -35.38 -19.69 -10.86
CA TYR A 131 -34.56 -18.54 -10.59
C TYR A 131 -34.06 -18.57 -9.19
N LEU A 132 -32.74 -18.42 -9.06
CA LEU A 132 -32.11 -18.15 -7.80
C LEU A 132 -31.52 -16.76 -7.77
N ASP A 133 -31.81 -15.99 -6.71
CA ASP A 133 -31.17 -14.69 -6.54
C ASP A 133 -30.10 -14.86 -5.52
N GLY A 134 -28.93 -14.33 -5.84
CA GLY A 134 -27.78 -14.38 -4.95
C GLY A 134 -27.05 -13.06 -4.75
N ALA A 135 -26.06 -13.19 -3.88
CA ALA A 135 -25.14 -12.13 -3.55
C ALA A 135 -23.75 -12.74 -3.21
N ILE A 136 -22.67 -12.12 -3.71
CA ILE A 136 -21.27 -12.54 -3.40
C ILE A 136 -20.73 -11.68 -2.27
N LEU A 137 -20.20 -12.28 -1.20
CA LEU A 137 -19.70 -11.48 -0.06
C LEU A 137 -18.20 -11.74 0.10
N ALA A 138 -17.46 -11.59 -0.97
CA ALA A 138 -16.05 -11.88 -0.95
C ALA A 138 -15.54 -11.29 -2.21
N GLY A 139 -14.24 -11.13 -2.32
CA GLY A 139 -13.64 -10.54 -3.51
C GLY A 139 -13.36 -11.61 -4.55
N PRO A 140 -13.02 -11.18 -5.78
CA PRO A 140 -12.84 -12.12 -6.89
C PRO A 140 -11.81 -13.16 -6.57
N ALA A 141 -10.73 -12.74 -5.93
CA ALA A 141 -9.69 -13.71 -5.56
C ALA A 141 -10.24 -14.88 -4.75
N ALA A 142 -11.22 -14.64 -3.88
CA ALA A 142 -11.68 -15.72 -3.00
C ALA A 142 -12.56 -16.76 -3.70
N ILE A 143 -13.11 -16.44 -4.86
CA ILE A 143 -13.98 -17.40 -5.58
C ILE A 143 -13.26 -18.70 -5.89
N GLY A 144 -13.93 -19.81 -5.66
CA GLY A 144 -13.31 -21.12 -5.87
C GLY A 144 -12.46 -21.59 -4.69
N THR A 145 -12.45 -20.85 -3.58
CA THR A 145 -11.70 -21.24 -2.38
C THR A 145 -12.61 -21.42 -1.19
N ALA A 146 -12.02 -21.70 -0.03
CA ALA A 146 -12.82 -21.79 1.17
C ALA A 146 -13.08 -20.40 1.76
N ASP A 147 -12.49 -19.36 1.20
CA ASP A 147 -12.79 -17.99 1.67
C ASP A 147 -14.03 -17.39 1.04
N ALA A 148 -14.48 -17.97 -0.07
CA ALA A 148 -15.63 -17.44 -0.78
C ALA A 148 -16.88 -17.63 0.05
N VAL A 149 -17.69 -16.59 0.09
CA VAL A 149 -19.05 -16.65 0.60
C VAL A 149 -19.98 -16.20 -0.51
N VAL A 150 -20.89 -17.09 -0.88
CA VAL A 150 -21.83 -16.81 -1.92
C VAL A 150 -23.17 -17.28 -1.41
N LEU A 151 -24.10 -16.34 -1.22
CA LEU A 151 -25.42 -16.65 -0.73
C LEU A 151 -26.43 -16.80 -1.85
N LEU A 152 -27.33 -17.77 -1.69
CA LEU A 152 -28.33 -18.06 -2.70
C LEU A 152 -29.68 -18.21 -2.06
N SER A 153 -30.71 -17.69 -2.71
CA SER A 153 -32.05 -17.80 -2.20
C SER A 153 -32.98 -18.02 -3.38
N GLY A 154 -34.11 -18.65 -3.11
CA GLY A 154 -34.97 -19.23 -4.13
C GLY A 154 -35.49 -20.61 -3.75
N PRO A 155 -36.28 -21.23 -4.63
CA PRO A 155 -36.89 -22.49 -4.27
C PRO A 155 -35.95 -23.65 -4.42
N ARG A 156 -36.15 -24.70 -3.60
CA ARG A 156 -35.25 -25.87 -3.56
C ARG A 156 -35.14 -26.48 -4.93
N SER A 157 -36.25 -26.50 -5.64
CA SER A 157 -36.33 -27.09 -6.98
C SER A 157 -35.39 -26.42 -7.97
N ALA A 158 -35.03 -25.19 -7.69
CA ALA A 158 -34.11 -24.47 -8.51
C ALA A 158 -32.68 -24.73 -8.07
N PHE A 159 -32.47 -24.94 -6.76
CA PHE A 159 -31.13 -25.06 -6.19
C PHE A 159 -30.56 -26.48 -6.16
N ASP A 160 -31.35 -27.42 -5.63
CA ASP A 160 -30.92 -28.84 -5.50
C ASP A 160 -30.31 -29.40 -6.82
N PRO A 161 -30.99 -29.24 -7.98
CA PRO A 161 -30.45 -29.89 -9.17
C PRO A 161 -29.14 -29.30 -9.60
N HIS A 162 -28.77 -28.12 -9.09
CA HIS A 162 -27.50 -27.53 -9.47
C HIS A 162 -26.55 -27.32 -8.33
N ALA A 163 -26.84 -27.94 -7.20
CA ALA A 163 -26.02 -27.80 -6.01
C ALA A 163 -24.55 -28.12 -6.28
N SER A 164 -24.26 -29.23 -6.95
CA SER A 164 -22.85 -29.57 -7.16
C SER A 164 -22.17 -28.49 -7.97
N ALA A 165 -22.75 -28.15 -9.11
CA ALA A 165 -22.19 -27.08 -9.94
C ALA A 165 -21.83 -25.83 -9.11
N LEU A 166 -22.82 -25.33 -8.36
CA LEU A 166 -22.69 -24.10 -7.65
C LEU A 166 -21.70 -24.19 -6.49
N GLY A 167 -21.59 -25.36 -5.87
CA GLY A 167 -20.58 -25.54 -4.81
C GLY A 167 -19.18 -25.24 -5.31
N GLY A 168 -18.97 -25.37 -6.64
CA GLY A 168 -17.69 -25.07 -7.29
C GLY A 168 -17.22 -23.65 -7.11
N LEU A 169 -18.10 -22.76 -6.67
CA LEU A 169 -17.69 -21.41 -6.35
C LEU A 169 -17.03 -21.28 -4.98
N GLY A 170 -17.14 -22.32 -4.14
CA GLY A 170 -16.50 -22.28 -2.82
C GLY A 170 -17.34 -22.99 -1.79
N ALA A 171 -16.70 -23.44 -0.72
CA ALA A 171 -17.40 -24.17 0.33
C ALA A 171 -18.34 -23.23 1.07
N GLY A 172 -18.04 -21.94 1.05
CA GLY A 172 -18.94 -21.00 1.67
C GLY A 172 -20.19 -20.64 0.86
N THR A 173 -20.38 -21.31 -0.27
CA THR A 173 -21.59 -21.21 -1.07
C THR A 173 -22.74 -21.76 -0.27
N THR A 174 -23.74 -20.97 0.08
CA THR A 174 -24.77 -21.43 0.96
C THR A 174 -26.21 -21.02 0.53
N TYR A 175 -27.17 -21.93 0.75
CA TYR A 175 -28.53 -21.79 0.34
C TYR A 175 -29.33 -21.36 1.55
N LEU A 176 -30.01 -20.23 1.45
CA LEU A 176 -30.56 -19.54 2.58
C LEU A 176 -31.99 -19.88 2.78
N GLY A 177 -32.65 -20.39 1.74
CA GLY A 177 -34.09 -20.66 1.81
C GLY A 177 -34.89 -20.11 0.62
N ALA A 178 -36.21 -20.27 0.70
CA ALA A 178 -37.12 -20.07 -0.43
C ALA A 178 -37.31 -18.64 -0.96
N ASP A 179 -37.43 -17.68 -0.05
CA ASP A 179 -37.61 -16.28 -0.43
C ASP A 179 -36.52 -15.82 -1.38
N HIS A 180 -36.91 -15.08 -2.41
CA HIS A 180 -35.96 -14.57 -3.39
C HIS A 180 -35.32 -13.26 -2.93
N GLY A 181 -35.72 -12.80 -1.74
CA GLY A 181 -35.20 -11.58 -1.20
C GLY A 181 -34.11 -11.78 -0.15
N LEU A 182 -33.96 -13.00 0.38
CA LEU A 182 -33.04 -13.19 1.48
C LEU A 182 -31.56 -12.87 1.20
N ALA A 183 -31.03 -13.28 0.06
CA ALA A 183 -29.61 -12.99 -0.19
C ALA A 183 -29.34 -11.48 -0.11
N SER A 184 -30.22 -10.66 -0.69
CA SER A 184 -30.06 -9.20 -0.61
C SER A 184 -30.09 -8.68 0.82
N LEU A 185 -31.07 -9.15 1.58
CA LEU A 185 -31.16 -8.80 2.98
C LEU A 185 -29.94 -9.24 3.84
N TYR A 186 -29.37 -10.40 3.55
CA TYR A 186 -28.16 -10.82 4.28
C TYR A 186 -26.98 -9.93 3.88
N ASP A 187 -26.90 -9.61 2.58
CA ASP A 187 -25.85 -8.78 2.09
C ASP A 187 -25.96 -7.37 2.78
N ALA A 188 -27.17 -6.83 2.84
CA ALA A 188 -27.37 -5.57 3.52
C ALA A 188 -26.94 -5.62 4.97
N ALA A 189 -27.35 -6.64 5.70
CA ALA A 189 -26.93 -6.68 7.09
C ALA A 189 -25.42 -6.69 7.22
N GLY A 190 -24.76 -7.37 6.31
CA GLY A 190 -23.33 -7.58 6.40
C GLY A 190 -22.62 -6.30 6.03
N LEU A 191 -23.14 -5.61 5.03
CA LEU A 191 -22.58 -4.34 4.61
C LEU A 191 -22.71 -3.26 5.66
N VAL A 192 -23.89 -3.10 6.22
CA VAL A 192 -24.05 -2.08 7.25
C VAL A 192 -23.15 -2.37 8.44
N MET A 193 -22.91 -3.66 8.73
CA MET A 193 -22.04 -3.99 9.88
C MET A 193 -20.63 -3.60 9.53
N MET A 194 -20.26 -3.86 8.28
CA MET A 194 -18.92 -3.58 7.81
C MET A 194 -18.63 -2.08 7.89
N TRP A 195 -19.48 -1.25 7.27
CA TRP A 195 -19.36 0.20 7.40
C TRP A 195 -19.41 0.71 8.87
N SER A 196 -20.23 0.09 9.70
CA SER A 196 -20.29 0.44 11.11
C SER A 196 -18.97 0.23 11.79
N ILE A 197 -18.32 -0.89 11.52
CA ILE A 197 -17.03 -1.20 12.16
C ILE A 197 -15.90 -0.33 11.66
N LEU A 198 -15.87 -0.06 10.36
CA LEU A 198 -14.84 0.77 9.84
C LEU A 198 -14.96 2.16 10.38
N ASN A 199 -16.18 2.67 10.45
CA ASN A 199 -16.39 4.03 10.96
C ASN A 199 -16.05 4.13 12.45
N GLY A 200 -16.40 3.12 13.23
CA GLY A 200 -15.98 3.07 14.62
C GLY A 200 -14.47 3.09 14.80
N PHE A 201 -13.83 2.36 13.92
CA PHE A 201 -12.39 2.28 13.91
C PHE A 201 -11.82 3.66 13.60
N LEU A 202 -12.40 4.35 12.63
CA LEU A 202 -11.88 5.66 12.21
C LEU A 202 -12.10 6.74 13.27
N GLN A 203 -13.26 6.72 13.90
CA GLN A 203 -13.48 7.58 15.04
C GLN A 203 -12.41 7.34 16.10
N GLY A 204 -12.13 6.09 16.39
CA GLY A 204 -11.11 5.76 17.40
C GLY A 204 -9.73 6.29 17.02
N ALA A 205 -9.35 6.11 15.78
CA ALA A 205 -8.03 6.43 15.37
C ALA A 205 -7.87 7.92 15.44
N ALA A 206 -8.91 8.65 15.10
CA ALA A 206 -8.86 10.12 15.12
C ALA A 206 -8.68 10.61 16.57
N LEU A 207 -9.41 10.00 17.50
CA LEU A 207 -9.29 10.34 18.89
C LEU A 207 -7.87 10.12 19.36
N LEU A 208 -7.35 8.92 19.16
CA LEU A 208 -6.01 8.57 19.66
C LEU A 208 -4.94 9.29 18.91
N GLY A 209 -5.22 9.63 17.67
CA GLY A 209 -4.30 10.43 16.90
C GLY A 209 -4.00 11.77 17.53
N THR A 210 -4.93 12.34 18.27
CA THR A 210 -4.74 13.67 18.87
C THR A 210 -3.56 13.65 19.83
N ALA A 211 -3.30 12.50 20.44
CA ALA A 211 -2.19 12.36 21.39
C ALA A 211 -0.98 11.75 20.74
N GLY A 212 -0.96 11.68 19.41
CA GLY A 212 0.16 11.11 18.72
C GLY A 212 0.25 9.59 18.66
N VAL A 213 -0.69 8.86 19.25
CA VAL A 213 -0.68 7.40 19.06
C VAL A 213 -1.15 6.99 17.69
N ASP A 214 -0.34 6.15 17.04
CA ASP A 214 -0.51 5.74 15.63
C ASP A 214 -1.61 4.77 15.53
N ALA A 215 -2.22 4.74 14.35
CA ALA A 215 -3.22 3.73 14.09
C ALA A 215 -2.69 2.30 14.31
N THR A 216 -1.47 2.01 13.82
CA THR A 216 -0.98 0.63 13.91
C THR A 216 -0.75 0.20 15.35
N THR A 217 -0.56 1.16 16.24
CA THR A 217 -0.41 0.86 17.69
C THR A 217 -1.76 0.48 18.26
N PHE A 218 -2.76 1.19 17.79
CA PHE A 218 -4.17 1.11 18.21
C PHE A 218 -4.82 -0.22 17.76
N ALA A 219 -4.61 -0.60 16.50
CA ALA A 219 -5.32 -1.76 15.88
C ALA A 219 -5.40 -3.03 16.72
N PRO A 220 -4.28 -3.48 17.28
CA PRO A 220 -4.39 -4.74 18.04
C PRO A 220 -5.22 -4.60 19.25
N PHE A 221 -5.25 -3.40 19.81
CA PHE A 221 -6.15 -3.15 20.96
C PHE A 221 -7.62 -3.31 20.56
N ILE A 222 -7.97 -2.72 19.43
CA ILE A 222 -9.37 -2.66 19.05
C ILE A 222 -9.88 -4.02 18.57
N THR A 223 -9.08 -4.76 17.82
CA THR A 223 -9.50 -6.09 17.39
C THR A 223 -9.72 -7.04 18.61
N GLN A 224 -8.92 -6.95 19.67
CA GLN A 224 -9.23 -7.77 20.86
C GLN A 224 -10.66 -7.42 21.27
N GLY A 225 -11.00 -6.13 21.31
CA GLY A 225 -12.32 -5.71 21.79
C GLY A 225 -13.46 -6.12 20.88
N ILE A 226 -13.23 -6.01 19.59
CA ILE A 226 -14.23 -6.41 18.62
C ILE A 226 -14.68 -7.84 18.87
N GLY A 227 -13.72 -8.73 19.11
CA GLY A 227 -14.00 -10.12 19.49
C GLY A 227 -14.83 -10.24 20.74
N THR A 228 -14.54 -9.44 21.75
CA THR A 228 -15.33 -9.53 22.99
C THR A 228 -16.80 -9.17 22.81
N VAL A 229 -17.04 -8.16 21.97
CA VAL A 229 -18.40 -7.68 21.71
C VAL A 229 -19.19 -8.67 20.87
N ALA A 230 -18.55 -9.18 19.83
CA ALA A 230 -19.13 -10.23 18.96
C ALA A 230 -19.66 -11.39 19.79
N ASP A 231 -18.95 -11.80 20.83
CA ASP A 231 -19.43 -12.89 21.68
C ASP A 231 -20.70 -12.54 22.41
N TRP A 232 -21.03 -11.27 22.58
CA TRP A 232 -22.30 -10.95 23.24
C TRP A 232 -23.53 -11.13 22.36
N LEU A 233 -23.33 -11.21 21.03
CA LEU A 233 -24.46 -11.10 20.08
C LEU A 233 -25.44 -12.30 20.08
N PRO A 234 -24.94 -13.53 20.22
CA PRO A 234 -25.93 -14.63 20.28
C PRO A 234 -26.93 -14.47 21.41
N GLY A 235 -26.46 -13.94 22.53
CA GLY A 235 -27.32 -13.65 23.66
C GLY A 235 -28.27 -12.54 23.40
N TYR A 236 -27.79 -11.55 22.66
CA TYR A 236 -28.65 -10.39 22.33
C TYR A 236 -29.74 -10.85 21.37
N ALA A 237 -29.37 -11.72 20.46
CA ALA A 237 -30.32 -12.32 19.54
C ALA A 237 -31.42 -13.05 20.34
N ARG A 238 -31.04 -13.91 21.29
CA ARG A 238 -32.05 -14.56 22.13
C ARG A 238 -32.98 -13.51 22.75
N GLN A 239 -32.45 -12.42 23.28
CA GLN A 239 -33.32 -11.43 23.86
C GLN A 239 -34.27 -10.87 22.86
N ILE A 240 -33.78 -10.53 21.67
CA ILE A 240 -34.61 -9.97 20.62
C ILE A 240 -35.71 -10.93 20.17
N ASP A 241 -35.40 -12.21 20.04
CA ASP A 241 -36.41 -13.18 19.62
C ASP A 241 -37.57 -13.44 20.62
N ASP A 242 -37.35 -13.28 21.93
CA ASP A 242 -38.46 -13.02 22.88
C ASP A 242 -38.53 -11.53 22.91
N GLY A 243 -39.50 -10.98 23.59
CA GLY A 243 -39.60 -9.54 23.57
C GLY A 243 -39.00 -9.04 24.83
N ALA A 244 -37.95 -9.72 25.27
CA ALA A 244 -37.51 -9.66 26.68
C ALA A 244 -36.12 -9.05 26.76
N TYR A 245 -36.03 -7.84 27.33
CA TYR A 245 -34.77 -7.10 27.38
C TYR A 245 -34.27 -6.79 28.83
N PRO A 246 -33.81 -7.83 29.57
CA PRO A 246 -33.34 -7.67 30.94
C PRO A 246 -32.07 -6.86 31.04
N ALA A 247 -31.95 -6.05 32.09
CA ALA A 247 -30.84 -5.11 32.23
C ALA A 247 -29.45 -5.74 32.40
N ASP A 248 -29.38 -6.85 33.14
CA ASP A 248 -28.11 -7.55 33.49
C ASP A 248 -27.01 -6.62 34.06
N ASP A 249 -27.39 -5.77 35.02
CA ASP A 249 -26.51 -4.71 35.56
C ASP A 249 -25.88 -3.83 34.44
N ALA A 250 -26.58 -3.66 33.30
CA ALA A 250 -26.03 -2.91 32.13
C ALA A 250 -27.12 -2.21 31.33
N ALA A 251 -28.01 -1.55 32.05
CA ALA A 251 -29.19 -0.96 31.44
C ALA A 251 -28.85 0.28 30.63
N ILE A 252 -29.72 0.60 29.67
CA ILE A 252 -29.54 1.75 28.77
C ILE A 252 -29.29 3.03 29.55
N ASP A 253 -29.97 3.21 30.67
CA ASP A 253 -29.74 4.36 31.55
C ASP A 253 -28.26 4.51 31.93
N THR A 254 -27.60 3.39 32.27
CA THR A 254 -26.21 3.44 32.70
C THR A 254 -25.23 3.72 31.55
N HIS A 255 -25.60 3.45 30.29
CA HIS A 255 -24.78 3.81 29.13
C HIS A 255 -24.71 5.31 28.95
N LEU A 256 -25.70 6.01 29.46
CA LEU A 256 -26.05 7.37 29.00
C LEU A 256 -24.98 8.38 29.36
N ALA A 257 -24.53 8.30 30.60
CA ALA A 257 -23.45 9.13 31.08
C ALA A 257 -22.19 8.98 30.25
N THR A 258 -21.84 7.74 29.95
CA THR A 258 -20.64 7.46 29.19
C THR A 258 -20.72 8.00 27.76
N MET A 259 -21.90 7.93 27.15
CA MET A 259 -22.06 8.44 25.81
C MET A 259 -21.84 9.94 25.80
N GLU A 260 -22.27 10.64 26.87
CA GLU A 260 -22.04 12.09 26.99
C GLU A 260 -20.54 12.40 27.02
N HIS A 261 -19.79 11.63 27.79
CA HIS A 261 -18.33 11.77 27.80
C HIS A 261 -17.71 11.62 26.41
N LEU A 262 -18.14 10.60 25.67
CA LEU A 262 -17.60 10.36 24.33
C LEU A 262 -17.82 11.58 23.43
N ILE A 263 -18.98 12.22 23.60
CA ILE A 263 -19.29 13.40 22.85
C ILE A 263 -18.41 14.55 23.26
N HIS A 264 -18.33 14.78 24.58
CA HIS A 264 -17.58 15.91 25.13
C HIS A 264 -16.11 15.77 24.81
N GLU A 265 -15.59 14.57 24.97
CA GLU A 265 -14.23 14.28 24.52
C GLU A 265 -14.02 14.60 23.02
N SER A 266 -14.90 14.12 22.18
CA SER A 266 -14.77 14.36 20.72
C SER A 266 -14.77 15.85 20.38
N GLU A 267 -15.76 16.57 20.91
CA GLU A 267 -15.89 18.01 20.66
C GLU A 267 -14.63 18.71 21.14
N PHE A 268 -14.23 18.45 22.37
CA PHE A 268 -13.09 19.12 22.97
C PHE A 268 -11.77 18.93 22.24
N LEU A 269 -11.52 17.74 21.69
CA LEU A 269 -10.28 17.49 20.95
C LEU A 269 -10.37 17.93 19.48
N GLY A 270 -11.54 18.41 19.07
CA GLY A 270 -11.70 18.99 17.76
C GLY A 270 -11.79 17.94 16.68
N VAL A 271 -12.21 16.74 17.04
CA VAL A 271 -12.48 15.74 16.02
C VAL A 271 -13.96 15.70 15.77
N ASN A 272 -14.35 14.98 14.76
CA ASN A 272 -15.78 14.81 14.52
C ASN A 272 -16.57 14.15 15.67
N ALA A 273 -17.76 14.68 15.94
CA ALA A 273 -18.61 14.16 17.00
C ALA A 273 -20.00 13.70 16.50
N GLU A 274 -20.19 13.63 15.18
CA GLU A 274 -21.50 13.26 14.64
C GLU A 274 -21.86 11.82 15.07
N LEU A 275 -20.89 10.90 14.97
CA LEU A 275 -21.15 9.53 15.31
C LEU A 275 -21.48 9.33 16.79
N PRO A 276 -20.68 9.89 17.71
CA PRO A 276 -21.06 9.82 19.13
C PRO A 276 -22.44 10.46 19.45
N ARG A 277 -22.75 11.59 18.82
CA ARG A 277 -24.07 12.20 18.99
C ARG A 277 -25.23 11.32 18.46
N PHE A 278 -25.03 10.70 17.30
CA PHE A 278 -26.00 9.78 16.75
C PHE A 278 -26.25 8.63 17.73
N ILE A 279 -25.17 8.04 18.24
CA ILE A 279 -25.32 6.97 19.20
C ILE A 279 -26.19 7.40 20.40
N LYS A 280 -25.96 8.62 20.92
CA LYS A 280 -26.65 9.14 22.13
C LYS A 280 -28.09 9.38 21.74
N ALA A 281 -28.32 10.01 20.60
CA ALA A 281 -29.71 10.17 20.07
C ALA A 281 -30.59 8.89 20.18
N LEU A 282 -30.14 7.77 19.62
CA LEU A 282 -30.92 6.55 19.70
C LEU A 282 -31.19 6.14 21.15
N ALA A 283 -30.18 6.20 21.99
CA ALA A 283 -30.42 5.82 23.37
C ALA A 283 -31.45 6.75 24.07
N ASP A 284 -31.46 8.03 23.70
CA ASP A 284 -32.42 8.96 24.24
C ASP A 284 -33.84 8.57 23.91
N ARG A 285 -34.10 8.29 22.64
CA ARG A 285 -35.39 7.77 22.19
C ARG A 285 -35.85 6.59 23.01
N ALA A 286 -34.98 5.62 23.21
CA ALA A 286 -35.35 4.46 23.98
C ALA A 286 -35.72 4.85 25.40
N VAL A 287 -35.01 5.83 25.96
CA VAL A 287 -35.29 6.28 27.33
C VAL A 287 -36.66 6.95 27.33
N ALA A 288 -36.90 7.79 26.32
CA ALA A 288 -38.18 8.45 26.16
C ALA A 288 -39.39 7.51 25.96
N ASP A 289 -39.22 6.24 25.64
CA ASP A 289 -40.35 5.32 25.56
C ASP A 289 -40.28 4.47 26.78
N GLY A 290 -39.58 4.98 27.79
CA GLY A 290 -39.45 4.27 29.06
C GLY A 290 -38.76 2.95 29.00
N HIS A 291 -37.80 2.79 28.08
CA HIS A 291 -36.98 1.56 28.07
C HIS A 291 -35.62 1.81 28.69
N GLY A 292 -35.45 2.98 29.32
CA GLY A 292 -34.28 3.28 30.14
C GLY A 292 -33.79 2.12 30.99
N GLY A 293 -34.72 1.39 31.60
CA GLY A 293 -34.35 0.29 32.47
C GLY A 293 -33.96 -0.97 31.78
N SER A 294 -34.11 -1.04 30.45
CA SER A 294 -33.88 -2.33 29.76
C SER A 294 -32.43 -2.45 29.29
N GLY A 295 -32.02 -3.66 28.96
CA GLY A 295 -30.73 -3.86 28.29
C GLY A 295 -30.65 -3.22 26.92
N TYR A 296 -29.43 -3.17 26.36
CA TYR A 296 -29.18 -2.41 25.15
C TYR A 296 -30.05 -2.95 24.02
N PRO A 297 -30.29 -4.26 23.99
CA PRO A 297 -30.99 -4.78 22.82
C PRO A 297 -32.42 -4.33 22.68
N ALA A 298 -32.97 -3.68 23.70
CA ALA A 298 -34.25 -3.01 23.52
C ALA A 298 -34.22 -1.93 22.43
N LEU A 299 -33.04 -1.54 21.97
CA LEU A 299 -32.96 -0.52 20.93
C LEU A 299 -33.41 -1.04 19.56
N ILE A 300 -33.55 -2.37 19.44
CA ILE A 300 -34.16 -2.93 18.22
C ILE A 300 -35.45 -2.17 17.82
N GLU A 301 -36.24 -1.73 18.80
CA GLU A 301 -37.45 -0.95 18.48
C GLU A 301 -37.15 0.36 17.78
N GLN A 302 -36.01 0.95 18.04
CA GLN A 302 -35.62 2.17 17.34
C GLN A 302 -35.24 1.88 15.92
N PHE A 303 -34.64 0.72 15.71
CA PHE A 303 -34.21 0.30 14.42
C PHE A 303 -35.34 -0.26 13.55
N ARG A 304 -36.40 -0.67 14.20
CA ARG A 304 -37.62 -1.02 13.50
C ARG A 304 -38.57 0.09 13.08
N THR A 305 -38.44 1.32 13.59
CA THR A 305 -39.40 2.36 13.21
C THR A 305 -38.75 3.59 12.56
N HIS A 306 -39.60 4.55 12.28
CA HIS A 306 -39.44 5.62 11.34
C HIS A 306 -39.00 5.15 10.00
N THR B 20 4.14 -5.55 49.93
CA THR B 20 3.85 -4.15 49.47
C THR B 20 2.42 -3.80 49.86
N PRO B 21 2.23 -2.87 50.80
CA PRO B 21 0.86 -2.48 51.18
C PRO B 21 0.20 -1.59 50.16
N VAL B 22 -1.08 -1.81 49.91
CA VAL B 22 -1.82 -0.97 48.97
C VAL B 22 -3.17 -0.61 49.55
N THR B 23 -3.61 0.61 49.23
CA THR B 23 -4.89 1.13 49.68
C THR B 23 -5.87 1.19 48.53
N VAL B 24 -7.14 0.91 48.81
CA VAL B 24 -8.20 1.03 47.81
C VAL B 24 -9.32 1.90 48.34
N ILE B 25 -9.58 2.99 47.62
CA ILE B 25 -10.61 3.93 47.98
C ILE B 25 -11.73 3.82 46.99
N GLY B 26 -12.93 3.51 47.51
CA GLY B 26 -14.11 3.28 46.69
C GLY B 26 -14.40 1.79 46.69
N LEU B 27 -15.61 1.40 47.07
CA LEU B 27 -15.98 -0.02 47.21
C LEU B 27 -17.36 -0.32 46.64
N GLY B 28 -17.63 0.24 45.48
CA GLY B 28 -18.73 -0.24 44.65
C GLY B 28 -18.36 -1.60 44.10
N LEU B 29 -19.15 -2.07 43.13
CA LEU B 29 -18.90 -3.38 42.54
C LEU B 29 -17.40 -3.47 42.15
N MET B 30 -16.88 -2.48 41.42
CA MET B 30 -15.52 -2.57 40.90
C MET B 30 -14.47 -2.38 41.99
N GLY B 31 -14.72 -1.46 42.91
CA GLY B 31 -13.78 -1.21 43.99
C GLY B 31 -13.50 -2.45 44.83
N GLN B 32 -14.57 -3.20 45.12
CA GLN B 32 -14.47 -4.49 45.82
C GLN B 32 -13.61 -5.51 45.07
N ALA B 33 -13.93 -5.72 43.79
CA ALA B 33 -13.11 -6.58 42.94
C ALA B 33 -11.62 -6.20 43.04
N LEU B 34 -11.32 -4.90 43.00
CA LEU B 34 -9.92 -4.44 43.02
C LEU B 34 -9.25 -4.81 44.32
N ALA B 35 -9.90 -4.48 45.43
CA ALA B 35 -9.41 -4.84 46.76
C ALA B 35 -9.26 -6.38 46.92
N GLY B 36 -10.23 -7.13 46.37
CA GLY B 36 -10.20 -8.58 46.38
C GLY B 36 -8.95 -9.12 45.69
N ALA B 37 -8.64 -8.60 44.52
CA ALA B 37 -7.44 -9.01 43.81
C ALA B 37 -6.18 -8.67 44.63
N PHE B 38 -6.16 -7.54 45.33
CA PHE B 38 -4.95 -7.17 46.08
C PHE B 38 -4.73 -8.05 47.33
N LEU B 39 -5.82 -8.41 48.03
CA LEU B 39 -5.79 -9.39 49.14
C LEU B 39 -5.36 -10.80 48.62
N GLY B 40 -6.11 -11.33 47.65
CA GLY B 40 -5.77 -12.59 46.96
C GLY B 40 -4.34 -12.72 46.42
N ALA B 41 -3.66 -11.62 46.15
CA ALA B 41 -2.26 -11.66 45.70
C ALA B 41 -1.29 -11.51 46.88
N GLY B 42 -1.80 -11.43 48.11
CA GLY B 42 -0.94 -11.32 49.29
C GLY B 42 -0.50 -9.93 49.72
N HIS B 43 -1.25 -8.89 49.35
CA HIS B 43 -0.88 -7.52 49.74
C HIS B 43 -1.56 -7.16 51.05
N PRO B 44 -0.82 -6.50 51.96
CA PRO B 44 -1.48 -5.84 53.11
C PRO B 44 -2.36 -4.68 52.65
N THR B 45 -3.67 -4.94 52.63
CA THR B 45 -4.60 -4.14 51.86
C THR B 45 -5.52 -3.30 52.76
N THR B 46 -5.27 -1.99 52.82
CA THR B 46 -6.19 -1.06 53.51
C THR B 46 -7.30 -0.50 52.62
N VAL B 47 -8.47 -0.32 53.20
CA VAL B 47 -9.68 -0.09 52.45
C VAL B 47 -10.48 1.05 53.05
N TRP B 48 -11.22 1.79 52.20
CA TRP B 48 -12.15 2.84 52.65
C TRP B 48 -13.28 3.06 51.65
N ASN B 49 -14.46 3.33 52.15
CA ASN B 49 -15.58 3.78 51.35
C ASN B 49 -16.38 4.81 52.12
N ARG B 50 -17.10 5.64 51.39
CA ARG B 50 -17.99 6.63 52.00
C ARG B 50 -19.01 5.97 52.92
N THR B 51 -19.84 5.15 52.31
CA THR B 51 -20.70 4.26 53.05
C THR B 51 -19.87 3.10 53.53
N ALA B 52 -19.23 3.27 54.68
CA ALA B 52 -18.52 2.13 55.32
C ALA B 52 -19.52 1.01 55.56
N ALA B 53 -19.03 -0.20 55.78
CA ALA B 53 -19.91 -1.37 55.89
C ALA B 53 -20.41 -1.82 54.49
N GLU B 56 -16.36 -4.50 55.44
CA GLU B 56 -17.14 -5.69 55.92
C GLU B 56 -16.67 -7.05 55.35
N PRO B 57 -17.21 -7.54 54.19
CA PRO B 57 -16.61 -8.80 53.66
C PRO B 57 -15.10 -8.77 53.41
N LEU B 58 -14.59 -7.65 52.92
CA LEU B 58 -13.18 -7.51 52.68
C LEU B 58 -12.38 -7.56 53.99
N VAL B 59 -12.84 -6.87 55.05
CA VAL B 59 -12.17 -6.96 56.36
C VAL B 59 -12.32 -8.40 56.95
N ALA B 60 -13.37 -9.13 56.53
CA ALA B 60 -13.56 -10.56 56.83
C ALA B 60 -12.54 -11.52 56.13
N ARG B 61 -12.13 -11.23 54.89
CA ARG B 61 -10.84 -11.73 54.38
C ARG B 61 -9.78 -10.88 55.15
N GLY B 62 -8.50 -10.88 54.78
CA GLY B 62 -7.51 -10.15 55.63
C GLY B 62 -7.49 -8.61 55.71
N ALA B 63 -8.50 -7.90 55.22
CA ALA B 63 -8.37 -6.44 55.01
C ALA B 63 -8.44 -5.57 56.27
N LYS B 64 -7.53 -4.59 56.37
CA LYS B 64 -7.56 -3.54 57.39
C LYS B 64 -8.52 -2.46 56.89
N SER B 65 -9.61 -2.21 57.62
CA SER B 65 -10.50 -1.09 57.32
C SER B 65 -9.95 0.19 57.95
N ALA B 66 -10.45 1.35 57.51
CA ALA B 66 -9.83 2.63 57.89
C ALA B 66 -10.88 3.67 58.29
N GLY B 67 -10.47 4.62 59.14
CA GLY B 67 -11.38 5.58 59.74
C GLY B 67 -11.83 6.70 58.83
N SER B 68 -10.92 7.14 57.99
CA SER B 68 -11.17 8.27 57.09
C SER B 68 -10.33 8.11 55.82
N VAL B 69 -10.56 9.02 54.88
CA VAL B 69 -9.78 9.03 53.66
C VAL B 69 -8.33 9.30 54.00
N ALA B 70 -8.06 10.20 54.93
CA ALA B 70 -6.67 10.60 55.23
C ALA B 70 -5.87 9.44 55.82
N GLU B 71 -6.53 8.64 56.67
CA GLU B 71 -5.93 7.44 57.31
C GLU B 71 -5.64 6.39 56.23
N ALA B 72 -6.59 6.19 55.30
CA ALA B 72 -6.41 5.27 54.15
C ALA B 72 -5.20 5.61 53.30
N VAL B 73 -5.02 6.90 53.02
CA VAL B 73 -3.90 7.37 52.22
C VAL B 73 -2.59 7.23 52.97
N ALA B 74 -2.59 7.48 54.27
CA ALA B 74 -1.39 7.35 55.11
C ALA B 74 -0.91 5.91 55.26
N ALA B 75 -1.79 4.94 55.01
CA ALA B 75 -1.50 3.50 55.20
C ALA B 75 -0.55 2.87 54.18
N SER B 76 -0.46 3.40 52.97
CA SER B 76 0.22 2.68 51.88
C SER B 76 0.95 3.64 50.95
N PRO B 77 2.11 3.23 50.41
CA PRO B 77 2.79 4.09 49.42
C PRO B 77 2.09 4.03 48.03
N LEU B 78 1.24 3.02 47.83
CA LEU B 78 0.44 2.85 46.60
C LEU B 78 -1.03 2.99 46.93
N VAL B 79 -1.67 4.01 46.33
CA VAL B 79 -3.09 4.32 46.59
C VAL B 79 -3.95 4.25 45.34
N VAL B 80 -4.99 3.43 45.37
CA VAL B 80 -5.81 3.19 44.20
C VAL B 80 -7.20 3.72 44.45
N VAL B 81 -7.75 4.42 43.45
CA VAL B 81 -9.04 5.04 43.60
C VAL B 81 -9.95 4.58 42.52
N CYS B 82 -11.14 4.13 42.91
CA CYS B 82 -12.13 3.73 41.95
C CYS B 82 -13.54 4.07 42.45
N VAL B 83 -14.06 5.19 41.98
CA VAL B 83 -15.36 5.70 42.40
C VAL B 83 -16.11 6.05 41.16
N SER B 84 -17.29 6.64 41.30
CA SER B 84 -18.22 6.70 40.16
C SER B 84 -17.74 7.60 39.04
N ASP B 85 -17.33 8.83 39.38
CA ASP B 85 -16.77 9.77 38.37
C ASP B 85 -15.73 10.74 38.98
N TYR B 86 -15.16 11.60 38.14
CA TYR B 86 -14.03 12.43 38.60
C TYR B 86 -14.55 13.54 39.55
N ASP B 87 -15.86 13.79 39.56
CA ASP B 87 -16.46 14.67 40.55
C ASP B 87 -16.35 14.07 41.93
N ALA B 88 -16.69 12.79 42.06
CA ALA B 88 -16.44 12.08 43.32
C ALA B 88 -14.97 12.10 43.68
N VAL B 89 -14.10 11.98 42.70
CA VAL B 89 -12.66 11.99 42.99
C VAL B 89 -12.25 13.31 43.60
N HIS B 90 -12.70 14.40 42.95
CA HIS B 90 -12.58 15.77 43.49
C HIS B 90 -13.05 15.83 44.95
N ALA B 91 -14.24 15.31 45.21
CA ALA B 91 -14.84 15.36 46.53
C ALA B 91 -13.97 14.68 47.62
N LEU B 92 -13.32 13.56 47.28
CA LEU B 92 -12.57 12.82 48.27
C LEU B 92 -11.13 13.25 48.37
N LEU B 93 -10.55 13.79 47.31
CA LEU B 93 -9.11 14.07 47.31
C LEU B 93 -8.75 15.54 47.49
N ASP B 94 -9.60 16.44 47.03
CA ASP B 94 -9.28 17.84 47.07
C ASP B 94 -9.15 18.33 48.51
N PRO B 95 -10.04 17.87 49.40
CA PRO B 95 -9.85 18.30 50.80
C PRO B 95 -8.60 17.85 51.55
N LEU B 96 -7.78 16.94 51.02
CA LEU B 96 -6.61 16.44 51.77
C LEU B 96 -5.57 17.52 52.00
N ASP B 97 -4.79 17.38 53.08
CA ASP B 97 -3.55 18.15 53.32
C ASP B 97 -2.58 18.10 52.16
N GLY B 98 -1.78 19.17 52.04
CA GLY B 98 -0.75 19.29 51.00
C GLY B 98 0.30 18.19 51.12
N THR B 99 0.55 17.77 52.37
CA THR B 99 1.56 16.75 52.67
C THR B 99 1.09 15.30 52.52
N ALA B 100 -0.22 15.06 52.65
CA ALA B 100 -0.76 13.69 52.71
C ALA B 100 -0.32 12.77 51.54
N LEU B 101 -0.13 13.35 50.35
CA LEU B 101 0.28 12.55 49.18
C LEU B 101 1.77 12.62 48.87
N GLN B 102 2.49 13.54 49.51
CA GLN B 102 3.94 13.70 49.28
C GLN B 102 4.62 12.30 49.32
N GLY B 103 5.35 11.99 48.24
CA GLY B 103 6.07 10.74 48.13
C GLY B 103 5.26 9.49 47.80
N ARG B 104 3.97 9.63 47.49
CA ARG B 104 3.14 8.44 47.19
C ARG B 104 2.76 8.39 45.74
N THR B 105 2.33 7.21 45.30
CA THR B 105 1.87 7.00 43.95
C THR B 105 0.38 6.77 44.01
N LEU B 106 -0.32 7.61 43.24
CA LEU B 106 -1.77 7.54 43.13
C LEU B 106 -2.21 6.98 41.76
N VAL B 107 -3.08 5.98 41.80
CA VAL B 107 -3.57 5.34 40.61
C VAL B 107 -5.07 5.46 40.58
N ASN B 108 -5.56 6.22 39.61
CA ASN B 108 -6.97 6.52 39.54
C ASN B 108 -7.61 5.74 38.43
N LEU B 109 -8.40 4.74 38.80
CA LEU B 109 -9.02 3.83 37.83
C LEU B 109 -10.48 4.17 37.60
N THR B 110 -10.85 5.36 38.02
CA THR B 110 -12.14 5.93 37.66
C THR B 110 -12.20 6.27 36.18
N SER B 111 -13.35 5.99 35.59
CA SER B 111 -13.60 6.34 34.20
C SER B 111 -13.87 7.84 34.06
N GLY B 112 -13.31 8.45 33.02
CA GLY B 112 -13.53 9.85 32.71
C GLY B 112 -12.86 10.32 31.43
N THR B 113 -12.73 11.62 31.20
CA THR B 113 -12.16 12.13 29.97
C THR B 113 -10.68 12.40 30.11
N SER B 114 -10.05 12.57 28.96
CA SER B 114 -8.64 12.88 28.91
C SER B 114 -8.36 14.17 29.65
N ALA B 115 -9.28 15.11 29.59
CA ALA B 115 -9.06 16.38 30.23
C ALA B 115 -9.13 16.23 31.76
N GLN B 116 -10.05 15.40 32.23
CA GLN B 116 -10.12 15.08 33.64
C GLN B 116 -8.85 14.41 34.15
N ALA B 117 -8.26 13.57 33.34
CA ALA B 117 -7.07 12.84 33.71
C ALA B 117 -5.87 13.77 33.76
N ARG B 118 -5.74 14.55 32.71
CA ARG B 118 -4.65 15.50 32.63
C ARG B 118 -4.70 16.52 33.79
N GLU B 119 -5.93 16.85 34.24
CA GLU B 119 -6.12 17.76 35.39
C GLU B 119 -5.60 17.16 36.68
N ARG B 120 -6.04 15.94 36.99
CA ARG B 120 -5.58 15.26 38.17
C ARG B 120 -4.07 15.07 38.12
N ALA B 121 -3.50 14.87 36.93
CA ALA B 121 -2.07 14.73 36.86
C ALA B 121 -1.40 16.03 37.29
N ALA B 122 -1.84 17.16 36.77
CA ALA B 122 -1.32 18.45 37.24
C ALA B 122 -1.51 18.64 38.77
N TRP B 123 -2.67 18.32 39.26
CA TRP B 123 -2.97 18.44 40.67
C TRP B 123 -2.08 17.58 41.49
N ALA B 124 -1.95 16.33 41.09
CA ALA B 124 -1.14 15.39 41.83
C ALA B 124 0.32 15.86 41.79
N ASP B 125 0.76 16.39 40.66
CA ASP B 125 2.13 16.84 40.63
C ASP B 125 2.37 17.97 41.64
N GLY B 126 1.48 18.95 41.67
CA GLY B 126 1.59 20.05 42.64
C GLY B 126 1.41 19.65 44.10
N ARG B 127 0.85 18.47 44.33
CA ARG B 127 0.68 17.91 45.65
C ARG B 127 1.90 17.01 46.04
N GLY B 128 2.97 17.05 45.23
CA GLY B 128 4.15 16.18 45.37
C GLY B 128 4.01 14.66 45.17
N ALA B 129 3.16 14.23 44.25
CA ALA B 129 2.87 12.80 44.08
C ALA B 129 3.12 12.34 42.66
N ASP B 130 3.42 11.06 42.51
CA ASP B 130 3.36 10.37 41.25
C ASP B 130 1.89 10.02 40.97
N TYR B 131 1.50 10.09 39.69
CA TYR B 131 0.13 9.78 39.34
C TYR B 131 0.04 8.92 38.08
N LEU B 132 -0.73 7.84 38.17
CA LEU B 132 -1.15 7.08 36.97
C LEU B 132 -2.64 7.20 36.78
N ASP B 133 -3.06 7.56 35.57
CA ASP B 133 -4.47 7.53 35.25
C ASP B 133 -4.76 6.25 34.51
N GLY B 134 -5.84 5.59 34.90
CA GLY B 134 -6.29 4.40 34.24
C GLY B 134 -7.78 4.32 33.93
N ALA B 135 -8.08 3.17 33.30
CA ALA B 135 -9.41 2.77 32.89
C ALA B 135 -9.54 1.22 32.92
N ILE B 136 -10.63 0.70 33.50
CA ILE B 136 -10.94 -0.74 33.51
C ILE B 136 -11.88 -1.09 32.35
N LEU B 137 -11.55 -2.07 31.52
CA LEU B 137 -12.38 -2.41 30.34
C LEU B 137 -12.89 -3.85 30.48
N ALA B 138 -13.43 -4.16 31.63
CA ALA B 138 -13.88 -5.52 31.93
C ALA B 138 -14.74 -5.38 33.14
N GLY B 139 -15.53 -6.39 33.43
CA GLY B 139 -16.46 -6.34 34.55
C GLY B 139 -15.77 -6.79 35.82
N PRO B 140 -16.40 -6.57 36.98
CA PRO B 140 -15.77 -6.89 38.28
C PRO B 140 -15.36 -8.34 38.40
N ALA B 141 -16.19 -9.25 37.90
CA ALA B 141 -15.83 -10.65 37.89
C ALA B 141 -14.46 -10.91 37.22
N ALA B 142 -14.12 -10.19 36.15
CA ALA B 142 -12.88 -10.49 35.42
C ALA B 142 -11.60 -10.07 36.16
N ILE B 143 -11.70 -9.18 37.13
CA ILE B 143 -10.49 -8.66 37.83
C ILE B 143 -9.75 -9.78 38.51
N GLY B 144 -8.43 -9.77 38.38
CA GLY B 144 -7.63 -10.85 38.91
C GLY B 144 -7.53 -12.09 38.00
N THR B 145 -8.10 -12.03 36.80
CA THR B 145 -8.03 -13.14 35.84
C THR B 145 -7.34 -12.71 34.54
N ALA B 146 -7.28 -13.61 33.57
CA ALA B 146 -6.69 -13.27 32.29
C ALA B 146 -7.73 -12.58 31.42
N ASP B 147 -8.98 -12.49 31.88
CA ASP B 147 -9.98 -11.72 31.14
C ASP B 147 -9.94 -10.24 31.42
N ALA B 148 -9.33 -9.84 32.52
CA ALA B 148 -9.27 -8.45 32.91
C ALA B 148 -8.44 -7.67 31.92
N VAL B 149 -8.93 -6.50 31.56
CA VAL B 149 -8.16 -5.50 30.83
C VAL B 149 -8.17 -4.24 31.68
N VAL B 150 -6.98 -3.76 32.06
CA VAL B 150 -6.84 -2.55 32.83
C VAL B 150 -5.74 -1.75 32.19
N LEU B 151 -6.09 -0.58 31.67
CA LEU B 151 -5.11 0.28 31.02
C LEU B 151 -4.57 1.36 31.96
N LEU B 152 -3.28 1.66 31.83
CA LEU B 152 -2.60 2.62 32.68
C LEU B 152 -1.77 3.53 31.84
N SER B 153 -1.76 4.80 32.20
CA SER B 153 -0.96 5.80 31.49
C SER B 153 -0.42 6.81 32.52
N GLY B 154 0.70 7.43 32.19
CA GLY B 154 1.51 8.15 33.14
C GLY B 154 2.99 7.86 32.95
N PRO B 155 3.84 8.45 33.79
CA PRO B 155 5.28 8.28 33.58
C PRO B 155 5.82 6.97 34.11
N ARG B 156 6.89 6.46 33.49
CA ARG B 156 7.46 5.15 33.85
C ARG B 156 7.87 5.11 35.31
N SER B 157 8.39 6.23 35.79
CA SER B 157 8.81 6.37 37.20
C SER B 157 7.68 6.13 38.18
N ALA B 158 6.45 6.33 37.74
CA ALA B 158 5.30 6.08 38.58
C ALA B 158 4.88 4.64 38.48
N PHE B 159 5.04 4.05 37.29
CA PHE B 159 4.54 2.67 37.00
C PHE B 159 5.50 1.53 37.37
N ASP B 160 6.75 1.63 36.90
CA ASP B 160 7.79 0.58 37.11
C ASP B 160 7.88 0.14 38.57
N PRO B 161 8.06 1.08 39.51
CA PRO B 161 8.13 0.63 40.90
C PRO B 161 6.93 -0.15 41.40
N HIS B 162 5.78 -0.08 40.73
CA HIS B 162 4.60 -0.79 41.24
C HIS B 162 4.05 -1.76 40.26
N ALA B 163 4.83 -2.05 39.23
CA ALA B 163 4.42 -2.99 38.18
C ALA B 163 3.96 -4.36 38.75
N SER B 164 4.73 -4.96 39.66
CA SER B 164 4.33 -6.26 40.22
C SER B 164 2.97 -6.16 40.91
N ALA B 165 2.83 -5.22 41.83
CA ALA B 165 1.56 -4.99 42.52
C ALA B 165 0.37 -4.92 41.54
N LEU B 166 0.50 -4.05 40.54
CA LEU B 166 -0.60 -3.76 39.59
C LEU B 166 -0.88 -4.93 38.65
N GLY B 167 0.14 -5.71 38.29
CA GLY B 167 -0.08 -6.93 37.51
C GLY B 167 -1.07 -7.87 38.19
N GLY B 168 -1.19 -7.78 39.52
CA GLY B 168 -2.16 -8.56 40.31
C GLY B 168 -3.61 -8.37 39.93
N LEU B 169 -3.90 -7.32 39.18
CA LEU B 169 -5.26 -7.12 38.67
C LEU B 169 -5.59 -7.95 37.42
N GLY B 170 -4.57 -8.54 36.80
CA GLY B 170 -4.78 -9.39 35.62
C GLY B 170 -3.65 -9.26 34.63
N ALA B 171 -3.45 -10.29 33.82
CA ALA B 171 -2.39 -10.27 32.83
C ALA B 171 -2.67 -9.21 31.79
N GLY B 172 -3.95 -8.86 31.61
CA GLY B 172 -4.29 -7.82 30.67
C GLY B 172 -4.03 -6.40 31.14
N THR B 173 -3.45 -6.26 32.34
CA THR B 173 -3.05 -4.97 32.89
C THR B 173 -1.93 -4.46 32.06
N THR B 174 -2.10 -3.33 31.40
CA THR B 174 -1.11 -2.89 30.46
C THR B 174 -0.81 -1.36 30.50
N TYR B 175 0.45 -1.03 30.31
CA TYR B 175 0.97 0.29 30.43
C TYR B 175 1.06 0.83 29.02
N LEU B 176 0.37 1.94 28.79
CA LEU B 176 0.19 2.49 27.48
C LEU B 176 1.22 3.56 27.12
N GLY B 177 1.87 4.17 28.12
CA GLY B 177 2.82 5.28 27.86
C GLY B 177 2.64 6.49 28.74
N ALA B 178 3.41 7.53 28.46
CA ALA B 178 3.64 8.66 29.39
C ALA B 178 2.46 9.62 29.59
N ASP B 179 1.84 10.02 28.50
CA ASP B 179 0.69 10.95 28.52
C ASP B 179 -0.48 10.37 29.31
N HIS B 180 -0.88 11.06 30.37
CA HIS B 180 -1.91 10.54 31.28
C HIS B 180 -3.27 10.46 30.60
N GLY B 181 -3.42 11.18 29.50
CA GLY B 181 -4.68 11.11 28.77
C GLY B 181 -4.96 9.81 28.02
N LEU B 182 -3.94 8.97 27.80
CA LEU B 182 -4.11 7.83 26.90
C LEU B 182 -5.18 6.79 27.38
N ALA B 183 -5.18 6.41 28.64
CA ALA B 183 -6.16 5.42 29.04
C ALA B 183 -7.56 5.84 28.69
N SER B 184 -7.88 7.10 28.90
CA SER B 184 -9.20 7.62 28.57
C SER B 184 -9.51 7.55 27.10
N LEU B 185 -8.57 8.00 26.30
CA LEU B 185 -8.69 7.90 24.88
C LEU B 185 -8.86 6.44 24.39
N TYR B 186 -8.18 5.48 25.01
CA TYR B 186 -8.33 4.09 24.59
C TYR B 186 -9.73 3.63 24.95
N ASP B 187 -10.19 4.00 26.12
CA ASP B 187 -11.51 3.59 26.60
C ASP B 187 -12.59 4.17 25.65
N ALA B 188 -12.41 5.43 25.25
CA ALA B 188 -13.31 6.06 24.25
C ALA B 188 -13.30 5.34 22.91
N ALA B 189 -12.12 5.03 22.38
CA ALA B 189 -12.09 4.29 21.11
C ALA B 189 -12.83 2.94 21.22
N GLY B 190 -12.70 2.30 22.38
CA GLY B 190 -13.28 0.98 22.57
C GLY B 190 -14.79 1.10 22.69
N LEU B 191 -15.25 2.11 23.41
CA LEU B 191 -16.67 2.34 23.57
C LEU B 191 -17.36 2.68 22.26
N VAL B 192 -16.79 3.59 21.49
CA VAL B 192 -17.45 3.94 20.24
C VAL B 192 -17.51 2.73 19.30
N MET B 193 -16.50 1.84 19.37
CA MET B 193 -16.49 0.68 18.53
C MET B 193 -17.58 -0.25 18.99
N MET B 194 -17.72 -0.40 20.31
CA MET B 194 -18.75 -1.25 20.87
C MET B 194 -20.16 -0.78 20.44
N TRP B 195 -20.51 0.46 20.72
CA TRP B 195 -21.79 1.00 20.23
C TRP B 195 -21.95 0.87 18.70
N SER B 196 -20.88 1.08 17.94
CA SER B 196 -20.95 0.96 16.48
C SER B 196 -21.38 -0.45 16.07
N ILE B 197 -20.81 -1.45 16.72
CA ILE B 197 -21.12 -2.82 16.38
C ILE B 197 -22.52 -3.21 16.80
N LEU B 198 -22.94 -2.79 17.99
CA LEU B 198 -24.26 -3.18 18.46
C LEU B 198 -25.32 -2.56 17.56
N ASN B 199 -25.10 -1.33 17.15
CA ASN B 199 -26.05 -0.68 16.30
C ASN B 199 -26.08 -1.27 14.93
N GLY B 200 -24.93 -1.61 14.38
CA GLY B 200 -24.93 -2.35 13.12
C GLY B 200 -25.67 -3.70 13.17
N PHE B 201 -25.50 -4.39 14.27
CA PHE B 201 -26.16 -5.62 14.51
C PHE B 201 -27.67 -5.41 14.51
N LEU B 202 -28.14 -4.35 15.18
CA LEU B 202 -29.54 -4.10 15.35
C LEU B 202 -30.16 -3.70 14.01
N GLN B 203 -29.47 -2.85 13.26
CA GLN B 203 -29.94 -2.51 11.95
C GLN B 203 -30.12 -3.82 11.15
N GLY B 204 -29.14 -4.71 11.23
CA GLY B 204 -29.22 -5.98 10.49
C GLY B 204 -30.39 -6.85 10.92
N ALA B 205 -30.57 -6.98 12.21
CA ALA B 205 -31.62 -7.85 12.72
C ALA B 205 -32.99 -7.30 12.27
N ALA B 206 -33.12 -5.99 12.23
CA ALA B 206 -34.36 -5.38 11.83
C ALA B 206 -34.65 -5.70 10.38
N LEU B 207 -33.66 -5.58 9.54
CA LEU B 207 -33.81 -5.77 8.12
C LEU B 207 -34.25 -7.17 7.88
N LEU B 208 -33.52 -8.11 8.47
CA LEU B 208 -33.81 -9.54 8.26
C LEU B 208 -35.12 -9.92 8.90
N GLY B 209 -35.46 -9.23 9.97
CA GLY B 209 -36.70 -9.51 10.66
C GLY B 209 -37.91 -9.27 9.81
N THR B 210 -37.81 -8.36 8.84
CA THR B 210 -38.91 -8.08 7.96
C THR B 210 -39.33 -9.32 7.13
N ALA B 211 -38.39 -10.24 6.90
CA ALA B 211 -38.66 -11.45 6.17
C ALA B 211 -38.81 -12.60 7.11
N GLY B 212 -38.95 -12.32 8.39
CA GLY B 212 -39.19 -13.41 9.35
C GLY B 212 -37.97 -14.16 9.80
N VAL B 213 -36.80 -13.84 9.27
CA VAL B 213 -35.62 -14.52 9.81
C VAL B 213 -35.33 -13.97 11.21
N ASP B 214 -35.17 -14.89 12.15
CA ASP B 214 -34.93 -14.61 13.57
C ASP B 214 -33.52 -14.10 13.78
N ALA B 215 -33.37 -13.33 14.84
CA ALA B 215 -32.06 -12.87 15.24
C ALA B 215 -31.10 -14.04 15.47
N THR B 216 -31.55 -15.10 16.13
CA THR B 216 -30.63 -16.20 16.48
C THR B 216 -30.14 -16.96 15.26
N THR B 217 -30.91 -16.90 14.17
CA THR B 217 -30.46 -17.47 12.88
C THR B 217 -29.37 -16.59 12.26
N PHE B 218 -29.57 -15.29 12.42
CA PHE B 218 -28.72 -14.22 11.86
C PHE B 218 -27.34 -14.14 12.54
N ALA B 219 -27.32 -14.22 13.87
CA ALA B 219 -26.09 -14.00 14.65
C ALA B 219 -24.84 -14.73 14.18
N PRO B 220 -24.91 -16.04 13.99
CA PRO B 220 -23.67 -16.71 13.54
C PRO B 220 -23.20 -16.25 12.21
N PHE B 221 -24.10 -15.83 11.35
CA PHE B 221 -23.67 -15.24 10.11
C PHE B 221 -22.84 -14.01 10.36
N ILE B 222 -23.34 -13.14 11.21
CA ILE B 222 -22.76 -11.80 11.32
C ILE B 222 -21.42 -11.85 12.07
N THR B 223 -21.31 -12.68 13.10
CA THR B 223 -20.02 -12.84 13.80
C THR B 223 -18.92 -13.40 12.86
N GLN B 224 -19.24 -14.29 11.93
CA GLN B 224 -18.24 -14.70 10.96
C GLN B 224 -17.73 -13.43 10.27
N GLY B 225 -18.65 -12.59 9.83
CA GLY B 225 -18.27 -11.39 9.05
C GLY B 225 -17.50 -10.36 9.84
N ILE B 226 -17.89 -10.19 11.10
CA ILE B 226 -17.22 -9.30 11.99
C ILE B 226 -15.73 -9.65 12.05
N GLY B 227 -15.43 -10.95 12.18
CA GLY B 227 -14.04 -11.43 12.14
C GLY B 227 -13.33 -11.08 10.85
N THR B 228 -14.02 -11.19 9.73
CA THR B 228 -13.36 -10.89 8.47
C THR B 228 -12.93 -9.43 8.38
N VAL B 229 -13.79 -8.55 8.87
CA VAL B 229 -13.58 -7.09 8.75
C VAL B 229 -12.45 -6.68 9.70
N ALA B 230 -12.51 -7.15 10.93
CA ALA B 230 -11.46 -6.92 11.89
C ALA B 230 -10.07 -7.23 11.34
N ASP B 231 -9.90 -8.31 10.59
CA ASP B 231 -8.60 -8.61 9.95
C ASP B 231 -8.19 -7.57 8.95
N TRP B 232 -9.09 -6.75 8.43
CA TRP B 232 -8.64 -5.70 7.51
C TRP B 232 -7.98 -4.52 8.18
N LEU B 233 -8.18 -4.38 9.48
CA LEU B 233 -7.82 -3.12 10.16
C LEU B 233 -6.31 -2.83 10.27
N PRO B 234 -5.49 -3.86 10.58
CA PRO B 234 -4.05 -3.56 10.61
C PRO B 234 -3.53 -2.93 9.30
N GLY B 235 -4.05 -3.38 8.19
CA GLY B 235 -3.74 -2.78 6.90
C GLY B 235 -4.25 -1.39 6.72
N TYR B 236 -5.44 -1.14 7.26
CA TYR B 236 -6.03 0.21 7.16
C TYR B 236 -5.25 1.19 8.05
N ALA B 237 -4.82 0.70 9.20
CA ALA B 237 -3.89 1.41 10.05
C ALA B 237 -2.60 1.78 9.33
N ARG B 238 -1.93 0.81 8.68
CA ARG B 238 -0.76 1.14 7.85
C ARG B 238 -1.09 2.26 6.87
N GLN B 239 -2.24 2.20 6.20
CA GLN B 239 -2.54 3.26 5.23
C GLN B 239 -2.68 4.59 5.91
N ILE B 240 -3.36 4.63 7.04
CA ILE B 240 -3.58 5.88 7.78
C ILE B 240 -2.27 6.48 8.28
N ASP B 241 -1.34 5.64 8.77
CA ASP B 241 -0.06 6.15 9.25
C ASP B 241 0.86 6.75 8.19
N ASP B 242 0.77 6.33 6.93
CA ASP B 242 1.23 7.16 5.79
C ASP B 242 0.02 7.89 5.39
N GLY B 243 0.14 8.81 4.47
CA GLY B 243 -1.03 9.59 4.12
C GLY B 243 -1.58 8.98 2.90
N ALA B 244 -1.44 7.66 2.80
CA ALA B 244 -1.51 6.97 1.50
C ALA B 244 -2.71 6.04 1.46
N TYR B 245 -3.70 6.41 0.62
CA TYR B 245 -4.99 5.67 0.59
C TYR B 245 -5.30 5.04 -0.80
N PRO B 246 -4.56 3.99 -1.16
CA PRO B 246 -4.72 3.36 -2.46
C PRO B 246 -6.03 2.62 -2.59
N ALA B 247 -6.63 2.63 -3.78
CA ALA B 247 -7.97 2.10 -4.01
C ALA B 247 -8.11 0.60 -3.82
N ASP B 248 -7.11 -0.16 -4.27
CA ASP B 248 -7.11 -1.64 -4.23
C ASP B 248 -8.39 -2.25 -4.82
N ASP B 249 -8.80 -1.75 -5.98
CA ASP B 249 -10.06 -2.15 -6.61
C ASP B 249 -11.29 -2.02 -5.67
N ALA B 250 -11.24 -1.08 -4.72
CA ALA B 250 -12.30 -0.91 -3.70
C ALA B 250 -12.47 0.54 -3.27
N ALA B 251 -12.47 1.43 -4.25
CA ALA B 251 -12.45 2.84 -3.98
C ALA B 251 -13.78 3.32 -3.49
N ILE B 252 -13.75 4.45 -2.78
CA ILE B 252 -14.94 5.05 -2.16
C ILE B 252 -16.04 5.20 -3.18
N ASP B 253 -15.68 5.58 -4.40
CA ASP B 253 -16.65 5.71 -5.49
C ASP B 253 -17.48 4.43 -5.66
N THR B 254 -16.83 3.28 -5.64
CA THR B 254 -17.52 2.02 -5.86
C THR B 254 -18.39 1.60 -4.67
N HIS B 255 -18.13 2.10 -3.45
CA HIS B 255 -19.02 1.87 -2.30
C HIS B 255 -20.39 2.56 -2.46
N LEU B 256 -20.41 3.58 -3.29
CA LEU B 256 -21.43 4.59 -3.22
C LEU B 256 -22.78 4.03 -3.64
N ALA B 257 -22.79 3.31 -4.74
CA ALA B 257 -23.97 2.66 -5.24
C ALA B 257 -24.61 1.73 -4.21
N THR B 258 -23.76 0.93 -3.58
CA THR B 258 -24.22 -0.04 -2.60
C THR B 258 -24.82 0.64 -1.39
N MET B 259 -24.26 1.78 -0.97
CA MET B 259 -24.81 2.52 0.14
C MET B 259 -26.21 3.02 -0.18
N GLU B 260 -26.44 3.44 -1.42
CA GLU B 260 -27.78 3.84 -1.83
C GLU B 260 -28.77 2.69 -1.67
N HIS B 261 -28.38 1.50 -2.11
CA HIS B 261 -29.23 0.33 -1.97
C HIS B 261 -29.61 0.08 -0.54
N LEU B 262 -28.63 0.15 0.35
CA LEU B 262 -28.88 -0.04 1.77
C LEU B 262 -29.94 0.96 2.26
N ILE B 263 -29.89 2.19 1.74
CA ILE B 263 -30.84 3.22 2.17
C ILE B 263 -32.22 2.92 1.62
N HIS B 264 -32.26 2.59 0.32
CA HIS B 264 -33.50 2.35 -0.38
C HIS B 264 -34.16 1.13 0.18
N GLU B 265 -33.38 0.12 0.43
CA GLU B 265 -33.92 -1.07 1.11
C GLU B 265 -34.52 -0.74 2.49
N SER B 266 -33.76 0.00 3.28
CA SER B 266 -34.23 0.37 4.66
C SER B 266 -35.56 1.16 4.61
N GLU B 267 -35.59 2.16 3.75
CA GLU B 267 -36.79 2.96 3.62
C GLU B 267 -37.93 2.09 3.19
N PHE B 268 -37.73 1.35 2.10
CA PHE B 268 -38.82 0.58 1.49
C PHE B 268 -39.42 -0.47 2.41
N LEU B 269 -38.63 -1.10 3.26
CA LEU B 269 -39.16 -2.09 4.21
C LEU B 269 -39.74 -1.45 5.50
N GLY B 270 -39.60 -0.15 5.62
CA GLY B 270 -40.16 0.55 6.75
C GLY B 270 -39.37 0.38 8.02
N VAL B 271 -38.08 0.09 7.90
CA VAL B 271 -37.23 0.13 9.07
C VAL B 271 -36.48 1.44 9.12
N ASN B 272 -35.80 1.69 10.21
CA ASN B 272 -35.02 2.91 10.26
C ASN B 272 -33.90 3.00 9.24
N ALA B 273 -33.71 4.18 8.70
CA ALA B 273 -32.68 4.41 7.69
C ALA B 273 -31.66 5.48 8.11
N GLU B 274 -31.69 5.91 9.37
CA GLU B 274 -30.82 6.99 9.76
C GLU B 274 -29.35 6.56 9.67
N LEU B 275 -29.08 5.37 10.15
CA LEU B 275 -27.70 4.86 10.08
C LEU B 275 -27.14 4.69 8.66
N PRO B 276 -27.88 4.02 7.75
CA PRO B 276 -27.42 4.00 6.37
C PRO B 276 -27.21 5.38 5.77
N ARG B 277 -28.11 6.32 6.02
CA ARG B 277 -27.97 7.71 5.52
C ARG B 277 -26.72 8.43 6.06
N PHE B 278 -26.45 8.20 7.34
CA PHE B 278 -25.22 8.72 7.93
C PHE B 278 -23.96 8.16 7.26
N ILE B 279 -23.93 6.86 7.08
CA ILE B 279 -22.84 6.23 6.37
C ILE B 279 -22.63 6.87 4.98
N LYS B 280 -23.72 7.13 4.22
CA LYS B 280 -23.64 7.69 2.82
C LYS B 280 -23.16 9.13 2.92
N ALA B 281 -23.69 9.90 3.86
CA ALA B 281 -23.24 11.27 4.09
C ALA B 281 -21.71 11.38 4.18
N LEU B 282 -21.07 10.64 5.08
CA LEU B 282 -19.63 10.71 5.19
C LEU B 282 -18.97 10.41 3.84
N ALA B 283 -19.40 9.36 3.16
CA ALA B 283 -18.74 9.02 1.90
C ALA B 283 -18.89 10.16 0.85
N ASP B 284 -20.03 10.85 0.88
CA ASP B 284 -20.28 11.95 -0.04
C ASP B 284 -19.29 13.06 0.18
N ARG B 285 -19.11 13.46 1.44
CA ARG B 285 -18.09 14.42 1.80
C ARG B 285 -16.71 14.06 1.23
N ALA B 286 -16.29 12.82 1.42
CA ALA B 286 -15.01 12.41 0.93
C ALA B 286 -14.93 12.55 -0.60
N VAL B 287 -16.03 12.27 -1.26
CA VAL B 287 -16.08 12.36 -2.70
C VAL B 287 -15.93 13.83 -3.05
N ALA B 288 -16.67 14.67 -2.33
CA ALA B 288 -16.64 16.11 -2.56
C ALA B 288 -15.28 16.79 -2.29
N ASP B 289 -14.33 16.13 -1.64
CA ASP B 289 -12.98 16.66 -1.52
C ASP B 289 -12.13 15.90 -2.46
N GLY B 290 -12.75 15.31 -3.47
CA GLY B 290 -12.04 14.58 -4.50
C GLY B 290 -11.28 13.38 -4.03
N HIS B 291 -11.73 12.71 -2.97
CA HIS B 291 -11.11 11.46 -2.52
C HIS B 291 -11.90 10.26 -3.01
N GLY B 292 -12.87 10.51 -3.90
CA GLY B 292 -13.65 9.44 -4.57
C GLY B 292 -12.81 8.28 -5.04
N GLY B 293 -11.62 8.58 -5.57
CA GLY B 293 -10.72 7.56 -6.05
C GLY B 293 -9.92 6.81 -5.01
N SER B 294 -9.97 7.24 -3.75
CA SER B 294 -9.15 6.59 -2.73
C SER B 294 -9.87 5.44 -2.03
N GLY B 295 -9.11 4.59 -1.36
CA GLY B 295 -9.66 3.57 -0.49
C GLY B 295 -10.46 4.14 0.67
N TYR B 296 -11.20 3.26 1.36
CA TYR B 296 -12.12 3.70 2.38
C TYR B 296 -11.36 4.46 3.50
N PRO B 297 -10.11 4.11 3.77
CA PRO B 297 -9.50 4.72 4.93
C PRO B 297 -9.17 6.18 4.74
N ALA B 298 -9.29 6.71 3.54
CA ALA B 298 -9.24 8.15 3.37
C ALA B 298 -10.33 8.89 4.16
N LEU B 299 -11.32 8.17 4.68
CA LEU B 299 -12.36 8.83 5.44
C LEU B 299 -11.87 9.31 6.79
N ILE B 300 -10.68 8.86 7.21
CA ILE B 300 -10.08 9.42 8.43
C ILE B 300 -10.15 10.96 8.44
N GLU B 301 -9.99 11.60 7.28
CA GLU B 301 -10.09 13.05 7.21
C GLU B 301 -11.46 13.57 7.61
N GLN B 302 -12.50 12.81 7.37
CA GLN B 302 -13.82 13.24 7.78
C GLN B 302 -13.96 13.14 9.29
N PHE B 303 -13.32 12.13 9.87
CA PHE B 303 -13.37 11.89 11.29
C PHE B 303 -12.47 12.83 12.08
N ARG B 304 -11.50 13.41 11.40
CA ARG B 304 -10.67 14.43 11.99
C ARG B 304 -11.20 15.86 12.00
N THR B 305 -12.24 16.20 11.24
CA THR B 305 -12.66 17.60 11.20
C THR B 305 -14.07 17.81 11.71
N HIS B 306 -14.39 19.11 11.85
CA HIS B 306 -15.47 19.68 12.65
C HIS B 306 -15.22 19.77 14.16
N THR C 20 -1.37 7.68 -51.56
CA THR C 20 -0.60 8.93 -51.30
C THR C 20 0.96 8.65 -51.35
N PRO C 21 1.66 9.29 -52.31
CA PRO C 21 3.08 8.96 -52.54
C PRO C 21 3.99 9.57 -51.48
N VAL C 22 5.02 8.84 -51.06
CA VAL C 22 6.01 9.36 -50.12
C VAL C 22 7.44 9.03 -50.58
N THR C 23 8.35 9.97 -50.36
CA THR C 23 9.76 9.81 -50.73
C THR C 23 10.59 9.58 -49.49
N VAL C 24 11.62 8.72 -49.61
CA VAL C 24 12.56 8.49 -48.52
C VAL C 24 13.98 8.69 -48.96
N ILE C 25 14.66 9.65 -48.30
CA ILE C 25 16.02 9.99 -48.63
C ILE C 25 16.90 9.50 -47.52
N GLY C 26 17.86 8.65 -47.86
CA GLY C 26 18.78 8.02 -46.91
C GLY C 26 18.37 6.58 -46.71
N LEU C 27 19.29 5.65 -46.93
CA LEU C 27 18.99 4.22 -46.92
C LEU C 27 20.03 3.40 -46.16
N GLY C 28 20.42 3.92 -45.00
CA GLY C 28 21.12 3.12 -44.01
C GLY C 28 20.14 2.14 -43.41
N LEU C 29 20.54 1.50 -42.32
CA LEU C 29 19.69 0.53 -41.64
C LEU C 29 18.30 1.16 -41.42
N MET C 30 18.25 2.36 -40.85
CA MET C 30 16.97 2.95 -40.50
C MET C 30 16.20 3.47 -41.71
N GLY C 31 16.91 4.03 -42.68
CA GLY C 31 16.25 4.51 -43.89
C GLY C 31 15.51 3.44 -44.63
N GLN C 32 16.13 2.26 -44.74
CA GLN C 32 15.50 1.06 -45.34
C GLN C 32 14.22 0.64 -44.63
N ALA C 33 14.31 0.50 -43.31
CA ALA C 33 13.13 0.21 -42.50
C ALA C 33 11.99 1.20 -42.79
N LEU C 34 12.31 2.50 -42.89
CA LEU C 34 11.29 3.51 -43.12
C LEU C 34 10.61 3.31 -44.45
N ALA C 35 11.42 3.15 -45.50
CA ALA C 35 10.92 2.87 -46.84
C ALA C 35 10.08 1.57 -46.89
N GLY C 36 10.54 0.55 -46.17
CA GLY C 36 9.84 -0.73 -46.03
C GLY C 36 8.44 -0.57 -45.45
N ALA C 37 8.33 0.20 -44.39
CA ALA C 37 7.02 0.47 -43.82
C ALA C 37 6.12 1.22 -44.79
N PHE C 38 6.67 2.12 -45.58
CA PHE C 38 5.81 2.92 -46.48
C PHE C 38 5.28 2.07 -47.64
N LEU C 39 6.13 1.18 -48.15
CA LEU C 39 5.69 0.17 -49.14
C LEU C 39 4.64 -0.81 -48.60
N GLY C 40 4.99 -1.52 -47.52
CA GLY C 40 4.08 -2.39 -46.78
C GLY C 40 2.72 -1.81 -46.44
N ALA C 41 2.60 -0.49 -46.32
CA ALA C 41 1.31 0.16 -46.05
C ALA C 41 0.61 0.57 -47.35
N GLY C 42 1.20 0.26 -48.50
CA GLY C 42 0.59 0.58 -49.81
C GLY C 42 0.87 1.95 -50.41
N HIS C 43 1.97 2.59 -50.03
CA HIS C 43 2.28 3.92 -50.54
C HIS C 43 3.15 3.77 -51.79
N PRO C 44 2.86 4.55 -52.85
CA PRO C 44 3.82 4.71 -53.97
C PRO C 44 5.11 5.40 -53.50
N THR C 45 6.14 4.59 -53.30
CA THR C 45 7.29 4.97 -52.49
C THR C 45 8.54 5.20 -53.33
N THR C 46 8.92 6.46 -53.52
CA THR C 46 10.18 6.79 -54.20
C THR C 46 11.35 6.89 -53.24
N VAL C 47 12.51 6.45 -53.70
CA VAL C 47 13.65 6.23 -52.84
C VAL C 47 14.94 6.81 -53.44
N TRP C 48 15.87 7.26 -52.58
CA TRP C 48 17.20 7.73 -53.01
C TRP C 48 18.24 7.58 -51.91
N ASN C 49 19.45 7.21 -52.29
CA ASN C 49 20.57 7.18 -51.36
C ASN C 49 21.85 7.57 -52.11
N ARG C 50 22.76 8.22 -51.41
CA ARG C 50 24.06 8.61 -51.96
C ARG C 50 24.72 7.44 -52.68
N THR C 51 24.98 6.39 -51.94
CA THR C 51 25.54 5.18 -52.52
C THR C 51 24.45 4.32 -53.15
N ALA C 52 23.94 4.77 -54.30
CA ALA C 52 22.86 4.01 -55.00
C ALA C 52 23.30 2.56 -55.08
N ALA C 53 22.35 1.67 -55.39
CA ALA C 53 22.62 0.23 -55.36
C ALA C 53 22.60 -0.25 -53.90
N LYS C 54 21.87 0.52 -53.10
CA LYS C 54 21.56 0.19 -51.73
C LYS C 54 20.08 0.36 -51.53
N GLU C 56 17.98 -1.12 -54.40
CA GLU C 56 18.05 -2.61 -54.65
C GLU C 56 16.93 -3.52 -54.03
N PRO C 57 17.13 -4.12 -52.83
CA PRO C 57 15.93 -4.82 -52.30
C PRO C 57 14.62 -4.03 -52.27
N LEU C 58 14.71 -2.73 -52.01
CA LEU C 58 13.52 -1.88 -51.93
C LEU C 58 12.80 -1.76 -53.29
N VAL C 59 13.55 -1.53 -54.37
CA VAL C 59 12.92 -1.52 -55.73
C VAL C 59 12.46 -2.93 -56.13
N ALA C 60 13.04 -3.95 -55.50
CA ALA C 60 12.52 -5.31 -55.59
C ALA C 60 11.08 -5.27 -55.11
N ARG C 61 10.89 -4.86 -53.86
CA ARG C 61 9.58 -4.87 -53.22
C ARG C 61 8.78 -3.59 -53.42
N GLY C 62 8.41 -3.31 -54.67
CA GLY C 62 7.51 -2.21 -54.98
C GLY C 62 8.01 -0.81 -54.70
N ALA C 63 9.27 -0.53 -55.03
CA ALA C 63 9.80 0.85 -54.94
C ALA C 63 10.36 1.41 -56.24
N LYS C 64 9.99 2.66 -56.54
CA LYS C 64 10.58 3.41 -57.65
C LYS C 64 11.87 4.03 -57.13
N SER C 65 12.98 3.70 -57.77
CA SER C 65 14.26 4.37 -57.49
C SER C 65 14.39 5.68 -58.29
N ALA C 66 15.32 6.55 -57.90
CA ALA C 66 15.39 7.92 -58.43
C ALA C 66 16.79 8.31 -58.81
N GLY C 67 16.91 9.23 -59.77
CA GLY C 67 18.20 9.60 -60.34
C GLY C 67 19.05 10.50 -59.46
N SER C 68 18.39 11.41 -58.74
CA SER C 68 19.07 12.40 -57.93
C SER C 68 18.19 12.78 -56.76
N VAL C 69 18.75 13.61 -55.89
CA VAL C 69 17.96 14.17 -54.78
C VAL C 69 16.79 15.01 -55.29
N ALA C 70 17.05 15.83 -56.31
CA ALA C 70 16.02 16.73 -56.80
C ALA C 70 14.81 15.96 -57.37
N GLU C 71 15.09 14.86 -58.08
CA GLU C 71 14.05 14.00 -58.67
C GLU C 71 13.24 13.33 -57.54
N ALA C 72 13.94 12.85 -56.51
CA ALA C 72 13.30 12.25 -55.32
C ALA C 72 12.33 13.22 -54.61
N VAL C 73 12.73 14.47 -54.49
CA VAL C 73 11.89 15.49 -53.87
C VAL C 73 10.71 15.85 -54.75
N ALA C 74 10.92 15.90 -56.07
CA ALA C 74 9.84 16.22 -57.01
C ALA C 74 8.76 15.13 -57.10
N ALA C 75 9.10 13.90 -56.68
CA ALA C 75 8.21 12.73 -56.75
C ALA C 75 7.01 12.69 -55.79
N SER C 76 7.08 13.37 -54.65
CA SER C 76 6.06 13.19 -53.61
C SER C 76 5.80 14.48 -52.85
N PRO C 77 4.55 14.68 -52.39
CA PRO C 77 4.26 15.88 -51.57
C PRO C 77 4.77 15.70 -50.12
N LEU C 78 5.04 14.44 -49.74
CA LEU C 78 5.62 14.10 -48.44
C LEU C 78 7.03 13.52 -48.60
N VAL C 79 8.02 14.20 -48.02
CA VAL C 79 9.42 13.81 -48.15
C VAL C 79 10.05 13.55 -46.81
N VAL C 80 10.60 12.34 -46.65
CA VAL C 80 11.18 11.91 -45.39
C VAL C 80 12.67 11.71 -45.52
N VAL C 81 13.41 12.23 -44.54
CA VAL C 81 14.87 12.21 -44.61
C VAL C 81 15.39 11.52 -43.38
N CYS C 82 16.27 10.56 -43.59
CA CYS C 82 16.93 9.89 -42.51
C CYS C 82 18.36 9.52 -42.88
N VAL C 83 19.30 10.34 -42.45
CA VAL C 83 20.72 10.16 -42.77
C VAL C 83 21.48 10.30 -41.46
N SER C 84 22.80 10.28 -41.50
CA SER C 84 23.55 10.08 -40.28
C SER C 84 23.44 11.26 -39.33
N ASP C 85 23.65 12.48 -39.81
CA ASP C 85 23.52 13.68 -38.96
C ASP C 85 23.10 14.90 -39.77
N TYR C 86 22.92 16.04 -39.09
CA TYR C 86 22.37 17.22 -39.72
C TYR C 86 23.40 17.86 -40.68
N ASP C 87 24.66 17.49 -40.58
CA ASP C 87 25.63 17.89 -41.57
C ASP C 87 25.39 17.22 -42.92
N ALA C 88 25.14 15.92 -42.89
CA ALA C 88 24.66 15.24 -44.10
C ALA C 88 23.37 15.86 -44.62
N VAL C 89 22.47 16.25 -43.73
CA VAL C 89 21.21 16.87 -44.18
C VAL C 89 21.49 18.16 -44.95
N HIS C 90 22.31 19.02 -44.34
CA HIS C 90 22.86 20.23 -45.00
C HIS C 90 23.38 19.89 -46.40
N ALA C 91 24.21 18.87 -46.48
CA ALA C 91 24.84 18.50 -47.76
C ALA C 91 23.85 18.16 -48.85
N LEU C 92 22.76 17.50 -48.49
CA LEU C 92 21.80 17.03 -49.47
C LEU C 92 20.72 18.05 -49.77
N LEU C 93 20.38 18.90 -48.84
CA LEU C 93 19.23 19.78 -49.01
C LEU C 93 19.56 21.22 -49.33
N ASP C 94 20.70 21.72 -48.85
CA ASP C 94 21.04 23.11 -49.06
C ASP C 94 21.21 23.42 -50.56
N PRO C 95 21.81 22.49 -51.34
CA PRO C 95 21.97 22.82 -52.74
C PRO C 95 20.72 22.85 -53.58
N LEU C 96 19.56 22.45 -53.07
CA LEU C 96 18.33 22.43 -53.90
C LEU C 96 17.87 23.83 -54.34
N ASP C 97 17.18 23.89 -55.48
CA ASP C 97 16.45 25.08 -55.97
C ASP C 97 15.47 25.62 -54.93
N GLY C 98 15.25 26.94 -54.95
CA GLY C 98 14.35 27.62 -54.02
C GLY C 98 12.94 27.09 -54.12
N THR C 99 12.57 26.69 -55.34
CA THR C 99 11.21 26.22 -55.65
C THR C 99 10.97 24.73 -55.35
N ALA C 100 12.05 23.92 -55.34
CA ALA C 100 11.94 22.46 -55.21
C ALA C 100 11.07 21.99 -54.03
N LEU C 101 11.07 22.74 -52.92
CA LEU C 101 10.29 22.36 -51.74
C LEU C 101 8.99 23.13 -51.58
N GLN C 102 8.81 24.21 -52.36
CA GLN C 102 7.57 25.01 -52.28
C GLN C 102 6.35 24.07 -52.29
N GLY C 103 5.50 24.24 -51.27
CA GLY C 103 4.28 23.46 -51.14
C GLY C 103 4.44 22.04 -50.67
N ARG C 104 5.62 21.61 -50.25
CA ARG C 104 5.80 20.23 -49.78
C ARG C 104 6.02 20.19 -48.28
N THR C 105 5.84 19.00 -47.71
CA THR C 105 6.09 18.78 -46.30
C THR C 105 7.31 17.90 -46.18
N LEU C 106 8.28 18.42 -45.44
CA LEU C 106 9.53 17.74 -45.18
C LEU C 106 9.59 17.23 -43.72
N VAL C 107 9.90 15.94 -43.58
CA VAL C 107 9.97 15.29 -42.29
C VAL C 107 11.36 14.73 -42.08
N ASN C 108 12.07 15.32 -41.13
CA ASN C 108 13.46 14.97 -40.94
C ASN C 108 13.59 14.14 -39.73
N LEU C 109 13.86 12.85 -39.92
CA LEU C 109 13.95 11.89 -38.79
C LEU C 109 15.40 11.56 -38.44
N THR C 110 16.31 12.38 -38.90
CA THR C 110 17.68 12.38 -38.46
C THR C 110 17.81 12.86 -37.04
N SER C 111 18.68 12.19 -36.30
CA SER C 111 18.97 12.54 -34.90
C SER C 111 19.87 13.76 -34.83
N GLY C 112 19.58 14.66 -33.91
CA GLY C 112 20.41 15.83 -33.72
C GLY C 112 19.97 16.68 -32.57
N THR C 113 20.44 17.92 -32.47
CA THR C 113 20.08 18.77 -31.36
C THR C 113 18.91 19.62 -31.65
N SER C 114 18.34 20.18 -30.60
CA SER C 114 17.24 21.11 -30.72
C SER C 114 17.64 22.31 -31.57
N ALA C 115 18.90 22.73 -31.50
CA ALA C 115 19.32 23.89 -32.25
C ALA C 115 19.43 23.56 -33.73
N GLN C 116 19.90 22.36 -34.05
CA GLN C 116 19.88 21.87 -35.43
C GLN C 116 18.48 21.73 -36.02
N ALA C 117 17.53 21.32 -35.22
CA ALA C 117 16.16 21.21 -35.65
C ALA C 117 15.56 22.61 -35.91
N ARG C 118 15.75 23.51 -34.94
CA ARG C 118 15.18 24.84 -35.03
C ARG C 118 15.76 25.60 -36.27
N GLU C 119 17.00 25.28 -36.63
CA GLU C 119 17.62 25.85 -37.81
C GLU C 119 16.96 25.39 -39.09
N ARG C 120 16.82 24.08 -39.25
CA ARG C 120 16.18 23.54 -40.41
C ARG C 120 14.75 24.07 -40.50
N ALA C 121 14.08 24.28 -39.36
CA ALA C 121 12.75 24.79 -39.45
C ALA C 121 12.77 26.21 -40.06
N ALA C 122 13.65 27.08 -39.60
CA ALA C 122 13.80 28.42 -40.22
C ALA C 122 14.14 28.33 -41.72
N TRP C 123 15.06 27.45 -42.06
CA TRP C 123 15.43 27.27 -43.41
C TRP C 123 14.26 26.82 -44.24
N ALA C 124 13.56 25.81 -43.76
CA ALA C 124 12.49 25.23 -44.52
C ALA C 124 11.41 26.29 -44.63
N ASP C 125 11.19 27.08 -43.59
CA ASP C 125 10.18 28.10 -43.72
C ASP C 125 10.51 29.11 -44.86
N GLY C 126 11.75 29.59 -44.90
CA GLY C 126 12.18 30.48 -45.95
C GLY C 126 12.21 29.85 -47.34
N ARG C 127 12.20 28.53 -47.42
CA ARG C 127 12.18 27.80 -48.69
C ARG C 127 10.70 27.49 -49.15
N GLY C 128 9.71 28.11 -48.44
CA GLY C 128 8.28 27.83 -48.60
C GLY C 128 7.71 26.42 -48.27
N ALA C 129 8.23 25.77 -47.24
CA ALA C 129 7.87 24.38 -46.96
C ALA C 129 7.39 24.22 -45.55
N ASP C 130 6.53 23.23 -45.37
CA ASP C 130 6.15 22.75 -44.07
C ASP C 130 7.24 21.79 -43.60
N TYR C 131 7.54 21.86 -42.31
CA TYR C 131 8.64 21.05 -41.79
C TYR C 131 8.27 20.43 -40.47
N LEU C 132 8.48 19.11 -40.40
CA LEU C 132 8.43 18.44 -39.13
C LEU C 132 9.80 17.92 -38.79
N ASP C 133 10.24 18.19 -37.56
CA ASP C 133 11.47 17.54 -37.08
C ASP C 133 11.06 16.37 -36.23
N GLY C 134 11.72 15.26 -36.46
CA GLY C 134 11.54 14.09 -35.62
C GLY C 134 12.80 13.38 -35.13
N ALA C 135 12.50 12.31 -34.37
CA ALA C 135 13.48 11.38 -33.78
C ALA C 135 12.87 9.96 -33.66
N ILE C 136 13.64 8.94 -34.05
CA ILE C 136 13.24 7.55 -33.90
C ILE C 136 13.81 6.98 -32.60
N LEU C 137 12.98 6.36 -31.77
CA LEU C 137 13.46 5.80 -30.48
C LEU C 137 13.23 4.28 -30.47
N ALA C 138 13.67 3.63 -31.51
CA ALA C 138 13.49 2.21 -31.63
C ALA C 138 14.42 1.80 -32.71
N GLY C 139 14.70 0.52 -32.82
CA GLY C 139 15.63 0.03 -33.84
C GLY C 139 14.89 -0.22 -35.13
N PRO C 140 15.65 -0.47 -36.22
CA PRO C 140 15.04 -0.66 -37.56
C PRO C 140 13.99 -1.78 -37.60
N ALA C 141 14.27 -2.89 -36.94
CA ALA C 141 13.29 -3.98 -36.87
C ALA C 141 11.94 -3.53 -36.32
N ALA C 142 11.90 -2.61 -35.36
CA ALA C 142 10.59 -2.20 -34.78
C ALA C 142 9.72 -1.34 -35.70
N ILE C 143 10.30 -0.72 -36.73
CA ILE C 143 9.53 0.19 -37.60
C ILE C 143 8.39 -0.55 -38.27
N GLY C 144 7.20 0.05 -38.30
CA GLY C 144 6.02 -0.61 -38.84
C GLY C 144 5.29 -1.53 -37.88
N THR C 145 5.73 -1.59 -36.62
CA THR C 145 5.09 -2.41 -35.59
C THR C 145 4.57 -1.57 -34.45
N ALA C 146 4.04 -2.22 -33.42
CA ALA C 146 3.59 -1.49 -32.25
C ALA C 146 4.75 -1.24 -31.32
N ASP C 147 5.92 -1.78 -31.62
CA ASP C 147 7.12 -1.46 -30.83
C ASP C 147 7.83 -0.17 -31.23
N ALA C 148 7.54 0.32 -32.43
CA ALA C 148 8.14 1.54 -32.92
C ALA C 148 7.68 2.74 -32.10
N VAL C 149 8.63 3.59 -31.78
CA VAL C 149 8.35 4.92 -31.23
C VAL C 149 9.01 5.94 -32.17
N VAL C 150 8.21 6.84 -32.70
CA VAL C 150 8.71 7.87 -33.59
C VAL C 150 8.06 9.16 -33.20
N LEU C 151 8.88 10.11 -32.75
CA LEU C 151 8.36 11.38 -32.25
C LEU C 151 8.47 12.47 -33.31
N LEU C 152 7.46 13.33 -33.35
CA LEU C 152 7.37 14.37 -34.36
C LEU C 152 7.00 15.67 -33.71
N SER C 153 7.61 16.75 -34.15
CA SER C 153 7.34 18.07 -33.61
C SER C 153 7.39 19.06 -34.77
N GLY C 154 6.63 20.15 -34.62
CA GLY C 154 6.30 21.02 -35.72
C GLY C 154 4.85 21.43 -35.67
N PRO C 155 4.43 22.23 -36.65
CA PRO C 155 3.07 22.80 -36.53
C PRO C 155 2.00 21.81 -36.99
N ARG C 156 0.78 21.92 -36.44
CA ARG C 156 -0.31 20.93 -36.70
C ARG C 156 -0.63 20.91 -38.19
N SER C 157 -0.52 22.07 -38.83
CA SER C 157 -0.76 22.20 -40.27
C SER C 157 0.17 21.33 -41.12
N ALA C 158 1.34 21.01 -40.58
CA ALA C 158 2.30 20.20 -41.30
C ALA C 158 2.02 18.74 -41.04
N PHE C 159 1.53 18.44 -39.83
CA PHE C 159 1.34 17.06 -39.39
C PHE C 159 -0.02 16.45 -39.77
N ASP C 160 -1.12 17.16 -39.43
CA ASP C 160 -2.49 16.67 -39.62
C ASP C 160 -2.72 16.14 -41.03
N PRO C 161 -2.36 16.94 -42.06
CA PRO C 161 -2.60 16.42 -43.42
C PRO C 161 -1.86 15.16 -43.76
N HIS C 162 -0.83 14.78 -43.02
CA HIS C 162 -0.08 13.56 -43.37
C HIS C 162 -0.07 12.55 -42.21
N ALA C 163 -0.96 12.76 -41.24
CA ALA C 163 -1.09 11.84 -40.09
C ALA C 163 -1.26 10.37 -40.50
N SER C 164 -2.15 10.08 -41.44
CA SER C 164 -2.36 8.68 -41.85
C SER C 164 -1.08 8.06 -42.38
N ALA C 165 -0.48 8.72 -43.36
CA ALA C 165 0.76 8.24 -43.92
C ALA C 165 1.79 7.89 -42.83
N LEU C 166 2.02 8.85 -41.94
CA LEU C 166 3.07 8.73 -40.92
C LEU C 166 2.73 7.66 -39.87
N GLY C 167 1.45 7.48 -39.56
CA GLY C 167 1.05 6.41 -38.65
C GLY C 167 1.53 5.03 -39.12
N GLY C 168 1.76 4.90 -40.42
CA GLY C 168 2.29 3.67 -41.01
C GLY C 168 3.64 3.25 -40.48
N LEU C 169 4.35 4.14 -39.80
CA LEU C 169 5.62 3.77 -39.16
C LEU C 169 5.44 3.06 -37.83
N GLY C 170 4.22 3.06 -37.30
CA GLY C 170 3.94 2.36 -36.06
C GLY C 170 2.93 3.12 -35.23
N ALA C 171 2.24 2.41 -34.36
CA ALA C 171 1.22 3.04 -33.52
C ALA C 171 1.89 3.97 -32.53
N GLY C 172 3.16 3.74 -32.25
CA GLY C 172 3.89 4.62 -31.34
C GLY C 172 4.38 5.92 -31.95
N THR C 173 4.02 6.16 -33.22
CA THR C 173 4.28 7.43 -33.90
C THR C 173 3.46 8.49 -33.25
N THR C 174 4.08 9.50 -32.67
CA THR C 174 3.31 10.46 -31.90
C THR C 174 3.76 11.92 -32.11
N TYR C 175 2.78 12.82 -32.08
CA TYR C 175 2.97 14.21 -32.34
C TYR C 175 3.06 14.92 -31.00
N LEU C 176 4.15 15.64 -30.79
CA LEU C 176 4.50 16.21 -29.51
C LEU C 176 4.09 17.64 -29.35
N GLY C 177 3.85 18.32 -30.45
CA GLY C 177 3.50 19.77 -30.37
C GLY C 177 4.26 20.65 -31.32
N ALA C 178 4.05 21.96 -31.19
CA ALA C 178 4.46 22.96 -32.22
C ALA C 178 5.96 23.22 -32.38
N ASP C 179 6.64 23.39 -31.25
CA ASP C 179 8.07 23.67 -31.20
C ASP C 179 8.87 22.52 -31.84
N HIS C 180 9.61 22.84 -32.90
CA HIS C 180 10.36 21.82 -33.63
C HIS C 180 11.48 21.20 -32.80
N GLY C 181 11.87 21.87 -31.73
CA GLY C 181 12.90 21.31 -30.89
C GLY C 181 12.51 20.11 -30.04
N LEU C 182 11.21 19.88 -29.85
CA LEU C 182 10.76 18.92 -28.84
C LEU C 182 11.20 17.48 -29.11
N ALA C 183 11.10 17.00 -30.33
CA ALA C 183 11.56 15.64 -30.56
C ALA C 183 12.99 15.41 -30.08
N SER C 184 13.89 16.36 -30.34
CA SER C 184 15.29 16.24 -29.94
C SER C 184 15.44 16.19 -28.44
N LEU C 185 14.76 17.10 -27.76
CA LEU C 185 14.74 17.12 -26.33
C LEU C 185 14.16 15.82 -25.72
N TYR C 186 13.13 15.23 -26.32
CA TYR C 186 12.58 13.99 -25.79
C TYR C 186 13.57 12.89 -26.00
N ASP C 187 14.21 12.90 -27.16
CA ASP C 187 15.22 11.90 -27.48
C ASP C 187 16.39 11.99 -26.45
N ALA C 188 16.84 13.20 -26.18
CA ALA C 188 17.86 13.39 -25.20
C ALA C 188 17.44 12.85 -23.83
N ALA C 189 16.27 13.20 -23.35
CA ALA C 189 15.87 12.68 -22.04
C ALA C 189 15.87 11.15 -21.98
N GLY C 190 15.46 10.53 -23.08
CA GLY C 190 15.36 9.09 -23.13
C GLY C 190 16.72 8.48 -23.19
N LEU C 191 17.61 9.07 -23.97
CA LEU C 191 18.97 8.57 -24.09
C LEU C 191 19.76 8.66 -22.77
N VAL C 192 19.71 9.81 -22.10
CA VAL C 192 20.44 9.95 -20.89
C VAL C 192 19.92 8.94 -19.86
N MET C 193 18.61 8.66 -19.89
CA MET C 193 18.05 7.72 -18.94
C MET C 193 18.55 6.35 -19.28
N MET C 194 18.61 6.05 -20.58
CA MET C 194 19.08 4.76 -21.01
C MET C 194 20.51 4.54 -20.53
N TRP C 195 21.41 5.45 -20.88
CA TRP C 195 22.80 5.30 -20.44
C TRP C 195 22.92 5.26 -18.92
N SER C 196 22.11 6.04 -18.22
CA SER C 196 22.11 6.03 -16.79
C SER C 196 21.82 4.62 -16.23
N ILE C 197 20.83 3.95 -16.81
CA ILE C 197 20.43 2.65 -16.34
C ILE C 197 21.44 1.60 -16.67
N LEU C 198 21.97 1.61 -17.87
CA LEU C 198 22.96 0.62 -18.23
C LEU C 198 24.19 0.77 -17.38
N ASN C 199 24.61 2.01 -17.11
CA ASN C 199 25.77 2.25 -16.27
C ASN C 199 25.55 1.85 -14.83
N GLY C 200 24.38 2.13 -14.29
CA GLY C 200 24.01 1.64 -12.97
C GLY C 200 24.01 0.11 -12.86
N PHE C 201 23.53 -0.51 -13.91
CA PHE C 201 23.55 -1.95 -14.01
C PHE C 201 24.97 -2.48 -13.99
N LEU C 202 25.87 -1.83 -14.73
CA LEU C 202 27.27 -2.29 -14.84
C LEU C 202 28.01 -2.09 -13.51
N GLN C 203 27.79 -0.95 -12.86
CA GLN C 203 28.35 -0.75 -11.56
C GLN C 203 27.91 -1.87 -10.63
N GLY C 204 26.63 -2.20 -10.66
CA GLY C 204 26.10 -3.28 -9.82
C GLY C 204 26.72 -4.63 -10.13
N ALA C 205 26.81 -4.97 -11.41
CA ALA C 205 27.34 -6.28 -11.80
C ALA C 205 28.80 -6.40 -11.39
N ALA C 206 29.54 -5.31 -11.48
CA ALA C 206 30.95 -5.31 -11.08
C ALA C 206 31.10 -5.54 -9.59
N LEU C 207 30.28 -4.87 -8.78
CA LEU C 207 30.33 -5.00 -7.32
C LEU C 207 30.01 -6.44 -6.89
N LEU C 208 28.90 -6.97 -7.40
CA LEU C 208 28.51 -8.33 -7.07
C LEU C 208 29.46 -9.36 -7.67
N GLY C 209 30.04 -9.05 -8.81
CA GLY C 209 31.00 -9.95 -9.42
C GLY C 209 32.19 -10.22 -8.55
N THR C 210 32.53 -9.27 -7.65
CA THR C 210 33.70 -9.46 -6.80
C THR C 210 33.52 -10.66 -5.91
N ALA C 211 32.28 -10.98 -5.58
CA ALA C 211 31.94 -12.10 -4.69
C ALA C 211 31.51 -13.32 -5.47
N GLY C 212 31.76 -13.32 -6.76
CA GLY C 212 31.39 -14.46 -7.57
C GLY C 212 29.93 -14.57 -7.94
N VAL C 213 29.06 -13.66 -7.52
CA VAL C 213 27.69 -13.74 -8.01
C VAL C 213 27.62 -13.27 -9.47
N ASP C 214 26.99 -14.09 -10.31
CA ASP C 214 26.92 -13.92 -11.76
C ASP C 214 25.96 -12.81 -12.09
N ALA C 215 26.18 -12.18 -13.24
CA ALA C 215 25.26 -11.17 -13.76
C ALA C 215 23.84 -11.75 -13.90
N THR C 216 23.72 -12.96 -14.46
CA THR C 216 22.38 -13.52 -14.69
C THR C 216 21.61 -13.82 -13.39
N THR C 217 22.32 -14.03 -12.28
CA THR C 217 21.67 -14.17 -10.95
C THR C 217 21.17 -12.83 -10.45
N PHE C 218 21.96 -11.81 -10.71
CA PHE C 218 21.71 -10.41 -10.34
C PHE C 218 20.54 -9.77 -11.10
N ALA C 219 20.49 -9.94 -12.43
CA ALA C 219 19.50 -9.25 -13.27
C ALA C 219 18.02 -9.24 -12.77
N PRO C 220 17.46 -10.39 -12.40
CA PRO C 220 16.05 -10.35 -11.98
C PRO C 220 15.85 -9.56 -10.73
N PHE C 221 16.85 -9.53 -9.85
CA PHE C 221 16.80 -8.65 -8.69
C PHE C 221 16.69 -7.20 -9.12
N ILE C 222 17.54 -6.79 -10.05
CA ILE C 222 17.67 -5.36 -10.36
C ILE C 222 16.48 -4.86 -11.17
N THR C 223 15.97 -5.66 -12.08
CA THR C 223 14.73 -5.29 -12.79
C THR C 223 13.52 -5.14 -11.86
N GLN C 224 13.40 -5.94 -10.80
CA GLN C 224 12.31 -5.69 -9.83
C GLN C 224 12.48 -4.29 -9.30
N GLY C 225 13.71 -3.94 -8.93
CA GLY C 225 13.95 -2.64 -8.33
C GLY C 225 13.74 -1.47 -9.27
N ILE C 226 14.17 -1.66 -10.51
CA ILE C 226 13.99 -0.62 -11.53
C ILE C 226 12.50 -0.22 -11.59
N GLY C 227 11.62 -1.21 -11.63
CA GLY C 227 10.18 -0.99 -11.59
C GLY C 227 9.74 -0.21 -10.36
N THR C 228 10.29 -0.55 -9.22
CA THR C 228 9.84 0.13 -8.03
C THR C 228 10.15 1.62 -8.11
N VAL C 229 11.33 1.94 -8.65
CA VAL C 229 11.83 3.34 -8.65
C VAL C 229 11.07 4.16 -9.69
N ALA C 230 10.88 3.57 -10.87
CA ALA C 230 10.02 4.14 -11.88
C ALA C 230 8.66 4.60 -11.33
N ASP C 231 8.02 3.81 -10.47
CA ASP C 231 6.72 4.23 -9.87
C ASP C 231 6.83 5.47 -9.03
N TRP C 232 8.02 5.82 -8.55
CA TRP C 232 8.12 7.03 -7.76
C TRP C 232 8.11 8.30 -8.58
N LEU C 233 8.34 8.17 -9.89
CA LEU C 233 8.61 9.37 -10.75
C LEU C 233 7.40 10.32 -10.96
N PRO C 234 6.20 9.77 -11.14
CA PRO C 234 5.09 10.70 -11.28
C PRO C 234 4.96 11.65 -10.13
N GLY C 235 5.17 11.13 -8.96
CA GLY C 235 5.15 11.94 -7.78
C GLY C 235 6.30 12.92 -7.75
N TYR C 236 7.45 12.52 -8.26
CA TYR C 236 8.62 13.40 -8.23
C TYR C 236 8.40 14.54 -9.23
N ALA C 237 7.79 14.20 -10.34
CA ALA C 237 7.34 15.20 -11.31
C ALA C 237 6.42 16.22 -10.65
N ARG C 238 5.38 15.76 -9.93
CA ARG C 238 4.51 16.71 -9.22
C ARG C 238 5.35 17.62 -8.34
N GLN C 239 6.29 17.07 -7.60
CA GLN C 239 7.05 17.92 -6.70
C GLN C 239 7.79 18.96 -7.48
N ILE C 240 8.41 18.55 -8.59
CA ILE C 240 9.21 19.48 -9.41
C ILE C 240 8.35 20.58 -10.03
N ASP C 241 7.14 20.27 -10.48
CA ASP C 241 6.26 21.29 -11.08
C ASP C 241 5.76 22.35 -10.12
N ASP C 242 5.64 22.06 -8.82
CA ASP C 242 5.61 23.10 -7.77
C ASP C 242 7.02 23.22 -7.39
N GLY C 243 7.35 24.17 -6.55
CA GLY C 243 8.75 24.32 -6.19
C GLY C 243 8.91 23.66 -4.86
N ALA C 244 8.18 22.54 -4.66
CA ALA C 244 7.92 22.00 -3.33
C ALA C 244 8.52 20.60 -3.17
N TYR C 245 9.56 20.51 -2.33
CA TYR C 245 10.34 19.26 -2.19
C TYR C 245 10.31 18.69 -0.74
N PRO C 246 9.14 18.16 -0.32
CA PRO C 246 8.98 17.62 1.04
C PRO C 246 9.80 16.36 1.28
N ALA C 247 10.33 16.22 2.49
CA ALA C 247 11.26 15.13 2.81
C ALA C 247 10.65 13.70 2.75
N ASP C 248 9.40 13.56 3.18
CA ASP C 248 8.72 12.24 3.29
C ASP C 248 9.53 11.15 4.02
N ASP C 249 10.10 11.51 5.17
CA ASP C 249 11.04 10.63 5.92
C ASP C 249 12.18 10.08 5.01
N ALA C 250 12.56 10.83 3.95
CA ALA C 250 13.60 10.40 2.99
C ALA C 250 14.43 11.57 2.43
N ALA C 251 14.85 12.46 3.32
CA ALA C 251 15.53 13.67 2.95
C ALA C 251 16.95 13.42 2.49
N ILE C 252 17.46 14.35 1.68
CA ILE C 252 18.78 14.25 1.09
C ILE C 252 19.84 13.98 2.16
N ASP C 253 19.70 14.61 3.33
CA ASP C 253 20.60 14.37 4.44
C ASP C 253 20.72 12.87 4.77
N THR C 254 19.59 12.17 4.80
CA THR C 254 19.59 10.74 5.16
C THR C 254 20.20 9.83 4.07
N HIS C 255 20.26 10.30 2.81
CA HIS C 255 20.94 9.54 1.72
C HIS C 255 22.45 9.53 1.92
N LEU C 256 22.93 10.51 2.66
CA LEU C 256 24.32 10.92 2.55
C LEU C 256 25.27 9.84 3.08
N ALA C 257 24.91 9.30 4.23
CA ALA C 257 25.66 8.19 4.86
C ALA C 257 25.79 6.97 3.95
N THR C 258 24.69 6.61 3.34
CA THR C 258 24.69 5.48 2.45
C THR C 258 25.55 5.70 1.21
N MET C 259 25.55 6.92 0.64
CA MET C 259 26.39 7.22 -0.54
C MET C 259 27.88 7.11 -0.22
N GLU C 260 28.28 7.51 1.00
CA GLU C 260 29.67 7.26 1.47
C GLU C 260 29.99 5.74 1.46
N HIS C 261 29.08 4.90 1.99
CA HIS C 261 29.31 3.46 1.98
C HIS C 261 29.51 2.94 0.59
N LEU C 262 28.66 3.39 -0.34
CA LEU C 262 28.78 2.97 -1.75
C LEU C 262 30.15 3.29 -2.32
N ILE C 263 30.69 4.42 -1.90
CA ILE C 263 32.04 4.79 -2.35
C ILE C 263 33.11 3.93 -1.74
N HIS C 264 33.04 3.79 -0.43
CA HIS C 264 34.06 3.04 0.32
C HIS C 264 34.05 1.61 -0.10
N GLU C 265 32.85 1.07 -0.25
CA GLU C 265 32.74 -0.28 -0.80
C GLU C 265 33.42 -0.41 -2.22
N SER C 266 33.10 0.52 -3.13
CA SER C 266 33.63 0.46 -4.45
C SER C 266 35.18 0.56 -4.42
N GLU C 267 35.70 1.52 -3.67
CA GLU C 267 37.16 1.67 -3.57
C GLU C 267 37.79 0.44 -3.01
N PHE C 268 37.29 -0.04 -1.87
CA PHE C 268 37.86 -1.20 -1.18
C PHE C 268 37.88 -2.50 -2.02
N LEU C 269 36.86 -2.77 -2.81
CA LEU C 269 36.88 -3.95 -3.64
C LEU C 269 37.68 -3.78 -4.94
N GLY C 270 38.17 -2.57 -5.19
CA GLY C 270 38.94 -2.28 -6.37
C GLY C 270 38.15 -2.16 -7.65
N VAL C 271 36.87 -1.85 -7.56
CA VAL C 271 36.11 -1.58 -8.76
C VAL C 271 36.04 -0.06 -8.95
N ASN C 272 35.51 0.36 -10.07
CA ASN C 272 35.41 1.78 -10.30
C ASN C 272 34.50 2.50 -9.30
N ALA C 273 34.91 3.67 -8.85
CA ALA C 273 34.14 4.46 -7.93
C ALA C 273 33.73 5.85 -8.48
N GLU C 274 33.94 6.09 -9.77
CA GLU C 274 33.66 7.43 -10.29
C GLU C 274 32.18 7.75 -10.22
N LEU C 275 31.34 6.77 -10.57
CA LEU C 275 29.91 6.96 -10.50
C LEU C 275 29.38 7.20 -9.08
N PRO C 276 29.76 6.38 -8.09
CA PRO C 276 29.36 6.71 -6.73
C PRO C 276 29.83 8.08 -6.23
N ARG C 277 31.06 8.44 -6.52
CA ARG C 277 31.57 9.75 -6.16
C ARG C 277 30.77 10.89 -6.81
N PHE C 278 30.42 10.73 -8.07
CA PHE C 278 29.61 11.73 -8.74
C PHE C 278 28.27 11.87 -8.09
N ILE C 279 27.62 10.76 -7.81
CA ILE C 279 26.33 10.79 -7.09
C ILE C 279 26.41 11.55 -5.76
N LYS C 280 27.48 11.35 -4.99
CA LYS C 280 27.67 12.00 -3.72
C LYS C 280 27.95 13.47 -3.94
N ALA C 281 28.84 13.80 -4.89
CA ALA C 281 29.11 15.23 -5.23
C ALA C 281 27.83 16.07 -5.39
N LEU C 282 26.91 15.62 -6.24
CA LEU C 282 25.66 16.33 -6.40
C LEU C 282 24.92 16.50 -5.05
N ALA C 283 24.80 15.46 -4.27
CA ALA C 283 24.05 15.59 -3.04
C ALA C 283 24.71 16.59 -2.10
N ASP C 284 26.04 16.64 -2.14
CA ASP C 284 26.77 17.60 -1.32
C ASP C 284 26.42 19.04 -1.67
N ARG C 285 26.46 19.37 -2.97
CA ARG C 285 26.03 20.67 -3.47
C ARG C 285 24.65 21.05 -2.97
N ALA C 286 23.71 20.12 -3.07
CA ALA C 286 22.35 20.39 -2.58
C ALA C 286 22.33 20.68 -1.06
N VAL C 287 23.16 19.97 -0.31
CA VAL C 287 23.27 20.20 1.12
C VAL C 287 23.85 21.59 1.35
N ALA C 288 24.91 21.91 0.61
CA ALA C 288 25.55 23.22 0.69
C ALA C 288 24.65 24.41 0.31
N ASP C 289 23.50 24.22 -0.33
CA ASP C 289 22.58 25.34 -0.57
C ASP C 289 21.45 25.14 0.37
N GLY C 290 21.72 24.44 1.46
CA GLY C 290 20.74 24.24 2.50
C GLY C 290 19.50 23.49 2.08
N HIS C 291 19.60 22.60 1.11
CA HIS C 291 18.46 21.75 0.77
C HIS C 291 18.59 20.36 1.39
N GLY C 292 19.56 20.20 2.31
CA GLY C 292 19.73 18.97 3.09
C GLY C 292 18.43 18.38 3.61
N GLY C 293 17.54 19.25 4.07
CA GLY C 293 16.27 18.82 4.55
C GLY C 293 15.25 18.39 3.53
N SER C 294 15.51 18.60 2.24
CA SER C 294 14.46 18.37 1.23
C SER C 294 14.52 16.97 0.67
N GLY C 295 13.44 16.53 0.05
CA GLY C 295 13.45 15.27 -0.69
C GLY C 295 14.44 15.30 -1.84
N TYR C 296 14.69 14.12 -2.42
CA TYR C 296 15.71 13.97 -3.46
C TYR C 296 15.41 14.88 -4.65
N PRO C 297 14.11 15.12 -4.98
CA PRO C 297 13.87 15.88 -6.21
C PRO C 297 14.29 17.32 -6.15
N ALA C 298 14.67 17.82 -4.99
CA ALA C 298 15.29 19.14 -4.94
C ALA C 298 16.60 19.21 -5.71
N LEU C 299 17.13 18.07 -6.09
CA LEU C 299 18.36 18.07 -6.87
C LEU C 299 18.15 18.61 -8.29
N ILE C 300 16.90 18.73 -8.73
CA ILE C 300 16.63 19.37 -10.01
C ILE C 300 17.44 20.69 -10.16
N GLU C 301 17.59 21.45 -9.08
CA GLU C 301 18.39 22.67 -9.14
C GLU C 301 19.83 22.45 -9.51
N GLN C 302 20.39 21.31 -9.16
CA GLN C 302 21.76 21.00 -9.54
C GLN C 302 21.82 20.68 -11.03
N PHE C 303 20.76 20.06 -11.53
CA PHE C 303 20.69 19.66 -12.92
C PHE C 303 20.35 20.80 -13.85
N ARG C 304 19.81 21.85 -13.29
CA ARG C 304 19.57 23.07 -13.99
C ARG C 304 20.71 24.06 -14.10
N THR C 305 21.76 23.96 -13.30
CA THR C 305 22.82 24.98 -13.36
C THR C 305 24.18 24.43 -13.74
N HIS C 306 25.14 25.34 -13.82
CA HIS C 306 26.52 25.01 -14.06
C HIS C 306 27.43 26.09 -13.46
N MET D 12 4.17 -26.90 11.73
CA MET D 12 4.10 -27.71 12.97
C MET D 12 4.05 -26.79 14.24
N ARG D 13 4.00 -27.37 15.46
CA ARG D 13 3.99 -26.58 16.76
C ARG D 13 5.35 -25.86 17.05
N ASN D 14 6.46 -26.50 16.67
CA ASN D 14 7.81 -25.88 16.75
C ASN D 14 8.07 -24.69 15.77
N GLN D 15 7.38 -24.68 14.63
CA GLN D 15 7.55 -23.61 13.66
C GLN D 15 6.66 -22.42 13.98
N GLN D 16 5.46 -22.70 14.47
CA GLN D 16 4.50 -21.66 14.83
C GLN D 16 5.19 -20.54 15.62
N ALA D 17 4.75 -19.30 15.37
CA ALA D 17 5.37 -18.13 15.96
C ALA D 17 4.88 -17.89 17.39
N GLU D 18 3.71 -18.34 17.76
CA GLU D 18 3.34 -18.13 19.14
C GLU D 18 4.43 -18.68 20.04
N HIS D 19 5.48 -19.21 19.45
CA HIS D 19 6.39 -20.04 20.20
C HIS D 19 7.82 -19.73 20.00
N THR D 20 8.12 -18.67 19.27
CA THR D 20 9.50 -18.27 19.12
C THR D 20 9.67 -16.89 19.59
N PRO D 21 10.34 -16.70 20.70
CA PRO D 21 10.58 -15.33 21.16
C PRO D 21 11.67 -14.69 20.38
N VAL D 22 11.52 -13.38 20.08
CA VAL D 22 12.54 -12.63 19.37
C VAL D 22 12.78 -11.28 20.05
N THR D 23 14.04 -10.86 20.05
CA THR D 23 14.45 -9.60 20.56
C THR D 23 14.78 -8.63 19.43
N VAL D 24 14.44 -7.33 19.62
CA VAL D 24 14.80 -6.30 18.68
C VAL D 24 15.54 -5.21 19.40
N ILE D 25 16.78 -4.97 18.96
CA ILE D 25 17.61 -3.91 19.50
C ILE D 25 17.73 -2.78 18.48
N GLY D 26 17.33 -1.60 18.89
CA GLY D 26 17.25 -0.44 18.02
C GLY D 26 15.80 -0.15 17.65
N LEU D 27 15.31 1.06 17.92
CA LEU D 27 13.90 1.42 17.73
C LEU D 27 13.72 2.77 17.07
N GLY D 28 14.54 3.02 16.08
CA GLY D 28 14.30 4.09 15.14
C GLY D 28 13.09 3.73 14.31
N LEU D 29 12.88 4.47 13.24
CA LEU D 29 11.76 4.18 12.36
C LEU D 29 11.75 2.73 11.94
N MET D 30 12.90 2.22 11.47
CA MET D 30 12.93 0.86 10.96
C MET D 30 12.91 -0.16 12.07
N GLY D 31 13.58 0.11 13.17
CA GLY D 31 13.53 -0.80 14.32
C GLY D 31 12.12 -1.08 14.83
N GLN D 32 11.31 -0.01 14.90
CA GLN D 32 9.90 -0.11 15.32
C GLN D 32 9.12 -0.97 14.37
N ALA D 33 9.26 -0.69 13.09
CA ALA D 33 8.61 -1.52 12.09
C ALA D 33 8.95 -3.02 12.23
N LEU D 34 10.21 -3.32 12.49
CA LEU D 34 10.62 -4.69 12.68
C LEU D 34 9.96 -5.34 13.88
N ALA D 35 10.06 -4.69 15.03
CA ALA D 35 9.38 -5.15 16.22
C ALA D 35 7.87 -5.34 15.98
N GLY D 36 7.28 -4.40 15.24
CA GLY D 36 5.84 -4.41 14.94
C GLY D 36 5.46 -5.65 14.17
N ALA D 37 6.26 -5.99 13.20
CA ALA D 37 6.01 -7.20 12.45
C ALA D 37 6.15 -8.44 13.32
N PHE D 38 7.07 -8.44 14.25
CA PHE D 38 7.24 -9.63 15.05
C PHE D 38 6.06 -9.82 16.01
N LEU D 39 5.57 -8.73 16.58
CA LEU D 39 4.36 -8.77 17.41
C LEU D 39 3.14 -9.20 16.63
N GLY D 40 2.86 -8.47 15.56
CA GLY D 40 1.79 -8.78 14.62
C GLY D 40 1.77 -10.21 14.08
N ALA D 41 2.91 -10.88 14.06
CA ALA D 41 2.95 -12.26 13.67
C ALA D 41 2.82 -13.21 14.87
N GLY D 42 2.63 -12.69 16.08
CA GLY D 42 2.46 -13.54 17.28
C GLY D 42 3.69 -13.93 18.07
N HIS D 43 4.80 -13.23 17.89
CA HIS D 43 6.03 -13.61 18.60
C HIS D 43 6.10 -12.89 19.96
N PRO D 44 6.54 -13.59 21.01
CA PRO D 44 6.87 -12.91 22.27
C PRO D 44 8.11 -12.06 22.04
N THR D 45 7.87 -10.76 21.93
CA THR D 45 8.82 -9.87 21.41
C THR D 45 9.40 -8.95 22.48
N THR D 46 10.67 -9.18 22.86
CA THR D 46 11.40 -8.24 23.74
C THR D 46 12.12 -7.15 22.98
N VAL D 47 12.17 -5.96 23.57
CA VAL D 47 12.62 -4.77 22.90
C VAL D 47 13.61 -3.95 23.74
N TRP D 48 14.54 -3.23 23.10
CA TRP D 48 15.46 -2.28 23.77
C TRP D 48 15.94 -1.18 22.85
N ASN D 49 16.13 0.02 23.38
CA ASN D 49 16.58 1.15 22.59
C ASN D 49 17.41 2.14 23.41
N ARG D 50 18.51 2.62 22.83
CA ARG D 50 19.38 3.57 23.50
C ARG D 50 18.57 4.63 24.23
N THR D 51 17.52 5.12 23.58
CA THR D 51 16.67 6.15 24.18
C THR D 51 15.40 5.53 24.76
N ALA D 52 15.36 5.40 26.09
CA ALA D 52 14.22 4.82 26.78
C ALA D 52 12.97 5.67 26.56
N ALA D 53 11.95 5.07 25.97
CA ALA D 53 10.69 5.78 25.71
C ALA D 53 10.45 5.94 24.21
N LYS D 54 11.20 5.19 23.40
CA LYS D 54 11.08 5.25 21.95
C LYS D 54 10.35 4.03 21.42
N GLU D 56 7.65 1.62 24.39
CA GLU D 56 6.50 2.53 24.52
C GLU D 56 5.25 2.25 23.72
N PRO D 57 5.20 2.76 22.41
CA PRO D 57 4.09 2.24 21.62
C PRO D 57 4.09 0.73 21.44
N LEU D 58 5.25 0.14 21.32
CA LEU D 58 5.43 -1.27 21.21
C LEU D 58 5.00 -2.02 22.47
N VAL D 59 5.40 -1.57 23.65
CA VAL D 59 4.97 -2.27 24.87
C VAL D 59 3.44 -2.10 25.03
N ALA D 60 2.87 -1.06 24.41
CA ALA D 60 1.41 -0.85 24.37
C ALA D 60 0.69 -1.89 23.51
N ARG D 61 1.45 -2.50 22.61
CA ARG D 61 1.00 -3.57 21.77
C ARG D 61 1.27 -4.95 22.29
N GLY D 62 1.95 -5.08 23.41
CA GLY D 62 2.20 -6.39 23.95
C GLY D 62 3.64 -6.70 24.25
N ALA D 63 4.53 -5.92 23.72
CA ALA D 63 5.93 -6.17 23.88
C ALA D 63 6.40 -6.00 25.29
N LYS D 64 7.36 -6.80 25.64
CA LYS D 64 8.08 -6.73 26.92
C LYS D 64 9.28 -5.82 26.65
N SER D 65 9.39 -4.75 27.42
CA SER D 65 10.55 -3.87 27.38
C SER D 65 11.64 -4.42 28.29
N ALA D 66 12.86 -3.94 28.10
CA ALA D 66 14.02 -4.51 28.77
C ALA D 66 14.93 -3.45 29.36
N GLY D 67 15.61 -3.83 30.44
CA GLY D 67 16.41 -2.89 31.22
C GLY D 67 17.71 -2.45 30.58
N SER D 68 18.35 -3.39 29.88
CA SER D 68 19.65 -3.18 29.31
C SER D 68 19.80 -4.04 28.06
N VAL D 69 20.91 -3.83 27.38
CA VAL D 69 21.22 -4.62 26.20
C VAL D 69 21.39 -6.04 26.60
N ALA D 70 22.06 -6.28 27.73
CA ALA D 70 22.35 -7.65 28.12
C ALA D 70 21.06 -8.48 28.40
N GLU D 71 20.10 -7.83 29.01
CA GLU D 71 18.82 -8.43 29.35
C GLU D 71 18.05 -8.76 28.07
N ALA D 72 18.08 -7.82 27.11
CA ALA D 72 17.44 -8.00 25.82
C ALA D 72 17.97 -9.20 25.07
N VAL D 73 19.27 -9.37 25.10
CA VAL D 73 19.92 -10.49 24.45
C VAL D 73 19.60 -11.78 25.17
N ALA D 74 19.54 -11.77 26.51
CA ALA D 74 19.22 -12.98 27.30
C ALA D 74 17.79 -13.48 27.10
N ALA D 75 16.90 -12.60 26.61
CA ALA D 75 15.43 -12.90 26.48
C ALA D 75 15.03 -13.81 25.36
N SER D 76 15.86 -13.94 24.32
CA SER D 76 15.43 -14.68 23.11
C SER D 76 16.59 -15.42 22.45
N PRO D 77 16.33 -16.54 21.82
CA PRO D 77 17.37 -17.21 21.07
C PRO D 77 17.63 -16.53 19.72
N LEU D 78 16.68 -15.70 19.24
CA LEU D 78 16.83 -14.92 17.98
C LEU D 78 16.86 -13.44 18.32
N VAL D 79 18.00 -12.79 18.00
CA VAL D 79 18.26 -11.39 18.32
C VAL D 79 18.49 -10.56 17.05
N VAL D 80 17.65 -9.54 16.86
CA VAL D 80 17.72 -8.71 15.67
C VAL D 80 18.18 -7.32 16.03
N VAL D 81 19.10 -6.78 15.25
CA VAL D 81 19.66 -5.50 15.53
C VAL D 81 19.46 -4.59 14.35
N CYS D 82 18.92 -3.41 14.60
CA CYS D 82 18.76 -2.42 13.59
C CYS D 82 18.99 -1.02 14.14
N VAL D 83 20.18 -0.50 13.95
CA VAL D 83 20.58 0.80 14.48
C VAL D 83 21.21 1.56 13.33
N SER D 84 21.76 2.75 13.61
CA SER D 84 22.06 3.65 12.50
C SER D 84 23.20 3.15 11.65
N ASP D 85 24.31 2.70 12.28
CA ASP D 85 25.44 2.16 11.52
C ASP D 85 26.23 1.13 12.33
N TYR D 86 27.26 0.52 11.72
CA TYR D 86 28.01 -0.55 12.38
C TYR D 86 28.84 0.01 13.56
N ASP D 87 29.08 1.31 13.59
CA ASP D 87 29.76 1.92 14.76
C ASP D 87 28.88 1.85 15.95
N ALA D 88 27.60 2.18 15.76
CA ALA D 88 26.61 1.93 16.82
C ALA D 88 26.55 0.47 17.20
N VAL D 89 26.64 -0.41 16.23
CA VAL D 89 26.58 -1.84 16.54
C VAL D 89 27.71 -2.22 17.45
N HIS D 90 28.92 -1.80 17.06
CA HIS D 90 30.15 -1.91 17.89
C HIS D 90 29.85 -1.44 19.35
N ALA D 91 29.27 -0.25 19.48
CA ALA D 91 29.04 0.37 20.76
C ALA D 91 28.13 -0.44 21.66
N LEU D 92 27.13 -1.09 21.09
CA LEU D 92 26.19 -1.84 21.88
C LEU D 92 26.58 -3.30 22.10
N LEU D 93 27.34 -3.91 21.18
CA LEU D 93 27.59 -5.34 21.27
C LEU D 93 28.97 -5.69 21.80
N ASP D 94 29.96 -4.84 21.55
CA ASP D 94 31.33 -5.19 21.91
C ASP D 94 31.44 -5.33 23.43
N PRO D 95 30.78 -4.47 24.19
CA PRO D 95 30.94 -4.60 25.62
C PRO D 95 30.34 -5.83 26.23
N LEU D 96 29.57 -6.64 25.51
CA LEU D 96 28.88 -7.79 26.15
C LEU D 96 29.86 -8.83 26.63
N ASP D 97 29.46 -9.60 27.65
CA ASP D 97 30.18 -10.82 28.07
C ASP D 97 30.39 -11.79 26.98
N GLY D 98 31.46 -12.60 27.14
CA GLY D 98 31.79 -13.64 26.15
C GLY D 98 30.71 -14.68 26.01
N THR D 99 29.99 -14.90 27.12
CA THR D 99 28.93 -15.92 27.18
C THR D 99 27.54 -15.45 26.68
N ALA D 100 27.29 -14.14 26.71
CA ALA D 100 25.96 -13.60 26.43
C ALA D 100 25.34 -14.01 25.07
N LEU D 101 26.16 -14.23 24.04
CA LEU D 101 25.66 -14.66 22.75
C LEU D 101 25.77 -16.14 22.50
N GLN D 102 26.48 -16.88 23.35
CA GLN D 102 26.63 -18.32 23.14
C GLN D 102 25.30 -18.98 22.88
N GLY D 103 25.25 -19.69 21.78
CA GLY D 103 24.07 -20.43 21.41
C GLY D 103 22.95 -19.62 20.80
N ARG D 104 23.18 -18.35 20.52
CA ARG D 104 22.14 -17.54 19.91
C ARG D 104 22.45 -17.15 18.48
N THR D 105 21.40 -16.76 17.76
CA THR D 105 21.54 -16.34 16.38
C THR D 105 21.29 -14.84 16.36
N LEU D 106 22.28 -14.12 15.83
CA LEU D 106 22.24 -12.71 15.71
C LEU D 106 22.03 -12.28 14.27
N VAL D 107 21.02 -11.47 14.06
CA VAL D 107 20.65 -10.99 12.72
C VAL D 107 20.79 -9.47 12.69
N ASN D 108 21.77 -8.99 11.97
CA ASN D 108 22.09 -7.57 11.94
C ASN D 108 21.58 -6.93 10.67
N LEU D 109 20.49 -6.17 10.77
CA LEU D 109 19.85 -5.57 9.60
C LEU D 109 20.21 -4.09 9.46
N THR D 110 21.27 -3.70 10.15
CA THR D 110 21.90 -2.44 9.95
C THR D 110 22.57 -2.43 8.60
N SER D 111 22.44 -1.28 7.95
CA SER D 111 23.11 -0.99 6.68
C SER D 111 24.59 -0.74 6.91
N GLY D 112 25.43 -1.28 6.04
CA GLY D 112 26.88 -1.02 6.07
C GLY D 112 27.62 -1.66 4.93
N THR D 113 28.93 -1.80 5.01
CA THR D 113 29.70 -2.36 3.91
C THR D 113 29.94 -3.83 4.11
N SER D 114 30.33 -4.47 3.02
CA SER D 114 30.65 -5.85 3.06
C SER D 114 31.75 -6.11 4.10
N ALA D 115 32.66 -5.17 4.27
CA ALA D 115 33.81 -5.44 5.14
C ALA D 115 33.34 -5.36 6.60
N GLN D 116 32.39 -4.45 6.86
CA GLN D 116 31.77 -4.37 8.16
C GLN D 116 31.00 -5.64 8.50
N ALA D 117 30.38 -6.23 7.50
CA ALA D 117 29.59 -7.43 7.69
C ALA D 117 30.49 -8.63 7.96
N ARG D 118 31.50 -8.75 7.14
CA ARG D 118 32.45 -9.85 7.30
C ARG D 118 33.16 -9.76 8.67
N GLU D 119 33.39 -8.56 9.19
CA GLU D 119 34.00 -8.37 10.53
C GLU D 119 33.10 -8.89 11.64
N ARG D 120 31.84 -8.48 11.62
CA ARG D 120 30.91 -8.93 12.61
C ARG D 120 30.74 -10.45 12.54
N ALA D 121 30.78 -11.01 11.35
CA ALA D 121 30.66 -12.47 11.25
C ALA D 121 31.85 -13.14 11.95
N ALA D 122 33.05 -12.66 11.73
CA ALA D 122 34.20 -13.20 12.49
C ALA D 122 34.01 -12.99 14.03
N TRP D 123 33.57 -11.81 14.41
CA TRP D 123 33.39 -11.50 15.79
C TRP D 123 32.36 -12.41 16.41
N ALA D 124 31.23 -12.53 15.72
CA ALA D 124 30.15 -13.30 16.25
C ALA D 124 30.59 -14.75 16.33
N ASP D 125 31.36 -15.20 15.36
CA ASP D 125 31.79 -16.57 15.47
C ASP D 125 32.63 -16.80 16.75
N GLY D 126 33.60 -15.94 16.99
CA GLY D 126 34.46 -16.09 18.16
C GLY D 126 33.72 -15.88 19.47
N ARG D 127 32.55 -15.28 19.42
CA ARG D 127 31.71 -15.07 20.57
C ARG D 127 30.70 -16.26 20.76
N GLY D 128 30.91 -17.34 20.00
CA GLY D 128 30.03 -18.50 20.00
C GLY D 128 28.60 -18.32 19.45
N ALA D 129 28.42 -17.51 18.42
CA ALA D 129 27.09 -17.24 17.90
C ALA D 129 26.99 -17.46 16.40
N ASP D 130 25.79 -17.80 15.95
CA ASP D 130 25.41 -17.82 14.55
C ASP D 130 25.08 -16.36 14.16
N TYR D 131 25.41 -16.00 12.93
CA TYR D 131 25.24 -14.65 12.53
C TYR D 131 24.73 -14.59 11.11
N LEU D 132 23.67 -13.82 10.93
CA LEU D 132 23.26 -13.40 9.61
C LEU D 132 23.42 -11.91 9.44
N ASP D 133 23.99 -11.49 8.30
CA ASP D 133 24.05 -10.07 7.99
C ASP D 133 23.01 -9.83 6.99
N GLY D 134 22.27 -8.77 7.24
CA GLY D 134 21.25 -8.34 6.26
C GLY D 134 21.23 -6.85 5.92
N ALA D 135 20.26 -6.57 5.06
CA ALA D 135 19.95 -5.24 4.54
C ALA D 135 18.45 -5.12 4.17
N ILE D 136 17.81 -4.04 4.59
CA ILE D 136 16.41 -3.79 4.28
C ILE D 136 16.33 -2.90 3.04
N LEU D 137 15.56 -3.28 2.04
CA LEU D 137 15.43 -2.47 0.82
C LEU D 137 13.98 -2.00 0.62
N ALA D 138 13.44 -1.39 1.65
CA ALA D 138 12.08 -0.93 1.61
C ALA D 138 11.96 -0.05 2.79
N GLY D 139 10.91 0.73 2.87
CA GLY D 139 10.72 1.68 3.96
C GLY D 139 9.99 1.01 5.07
N PRO D 140 9.97 1.65 6.25
CA PRO D 140 9.35 1.05 7.43
C PRO D 140 7.91 0.64 7.20
N ALA D 141 7.12 1.46 6.54
CA ALA D 141 5.74 1.07 6.29
C ALA D 141 5.66 -0.29 5.57
N ALA D 142 6.61 -0.63 4.71
CA ALA D 142 6.47 -1.89 3.93
C ALA D 142 6.71 -3.14 4.76
N ILE D 143 7.38 -3.02 5.87
CA ILE D 143 7.73 -4.20 6.66
C ILE D 143 6.50 -4.92 7.08
N GLY D 144 6.53 -6.24 6.97
CA GLY D 144 5.35 -7.05 7.30
C GLY D 144 4.35 -7.18 6.19
N THR D 145 4.67 -6.64 5.01
CA THR D 145 3.79 -6.74 3.87
C THR D 145 4.48 -7.46 2.73
N ALA D 146 3.78 -7.56 1.61
CA ALA D 146 4.40 -8.17 0.45
C ALA D 146 5.27 -7.14 -0.30
N ASP D 147 5.29 -5.90 0.13
CA ASP D 147 6.18 -4.90 -0.49
C ASP D 147 7.57 -4.92 0.09
N ALA D 148 7.72 -5.54 1.26
CA ALA D 148 9.00 -5.54 1.96
C ALA D 148 9.97 -6.39 1.19
N VAL D 149 11.21 -5.90 1.13
CA VAL D 149 12.34 -6.67 0.66
C VAL D 149 13.39 -6.63 1.77
N VAL D 150 13.77 -7.79 2.24
CA VAL D 150 14.77 -7.91 3.28
C VAL D 150 15.72 -9.00 2.85
N LEU D 151 16.97 -8.64 2.63
CA LEU D 151 17.99 -9.62 2.19
C LEU D 151 18.86 -10.12 3.36
N LEU D 152 19.18 -11.41 3.32
CA LEU D 152 19.90 -12.03 4.39
C LEU D 152 21.02 -12.88 3.79
N SER D 153 22.17 -12.89 4.43
CA SER D 153 23.27 -13.64 4.00
C SER D 153 23.99 -14.16 5.20
N GLY D 154 24.69 -15.27 5.03
CA GLY D 154 25.19 -16.06 6.17
C GLY D 154 24.95 -17.54 5.94
N PRO D 155 25.37 -18.35 6.87
CA PRO D 155 25.25 -19.78 6.63
C PRO D 155 23.83 -20.30 6.82
N ARG D 156 23.47 -21.37 6.11
CA ARG D 156 22.14 -21.96 6.18
C ARG D 156 21.77 -22.38 7.60
N SER D 157 22.75 -22.88 8.34
CA SER D 157 22.56 -23.29 9.70
C SER D 157 22.05 -22.15 10.60
N ALA D 158 22.35 -20.91 10.19
CA ALA D 158 21.93 -19.74 10.96
C ALA D 158 20.56 -19.27 10.52
N PHE D 159 20.25 -19.48 9.25
CA PHE D 159 18.97 -19.03 8.66
C PHE D 159 17.81 -20.02 8.79
N ASP D 160 18.02 -21.28 8.35
CA ASP D 160 16.99 -22.30 8.32
C ASP D 160 16.21 -22.41 9.66
N PRO D 161 16.88 -22.60 10.79
CA PRO D 161 16.12 -22.72 12.00
C PRO D 161 15.24 -21.52 12.32
N HIS D 162 15.45 -20.35 11.71
CA HIS D 162 14.63 -19.18 11.99
C HIS D 162 13.93 -18.64 10.78
N ALA D 163 13.89 -19.43 9.74
CA ALA D 163 13.20 -19.03 8.55
C ALA D 163 11.75 -18.58 8.81
N SER D 164 10.95 -19.35 9.54
CA SER D 164 9.54 -18.94 9.73
C SER D 164 9.48 -17.60 10.41
N ALA D 165 10.18 -17.46 11.54
CA ALA D 165 10.22 -16.18 12.24
C ALA D 165 10.53 -14.97 11.31
N LEU D 166 11.62 -15.11 10.57
CA LEU D 166 12.08 -14.03 9.70
C LEU D 166 11.12 -13.76 8.55
N GLY D 167 10.44 -14.76 8.05
CA GLY D 167 9.48 -14.56 6.97
C GLY D 167 8.38 -13.59 7.39
N GLY D 168 8.16 -13.48 8.69
CA GLY D 168 7.20 -12.51 9.22
C GLY D 168 7.49 -11.04 8.86
N LEU D 169 8.71 -10.74 8.42
CA LEU D 169 9.03 -9.43 7.96
C LEU D 169 8.52 -9.15 6.54
N GLY D 170 8.05 -10.19 5.83
CA GLY D 170 7.50 -10.00 4.52
C GLY D 170 7.86 -11.13 3.60
N ALA D 171 7.03 -11.34 2.58
CA ALA D 171 7.27 -12.40 1.64
C ALA D 171 8.53 -12.10 0.82
N GLY D 172 8.91 -10.84 0.72
CA GLY D 172 10.13 -10.51 0.04
C GLY D 172 11.42 -10.72 0.84
N THR D 173 11.30 -11.29 2.04
CA THR D 173 12.43 -11.70 2.87
C THR D 173 13.14 -12.81 2.21
N THR D 174 14.39 -12.65 1.84
CA THR D 174 15.03 -13.63 1.02
C THR D 174 16.49 -13.94 1.43
N TYR D 175 16.87 -15.22 1.33
CA TYR D 175 18.18 -15.69 1.72
C TYR D 175 19.03 -15.80 0.49
N LEU D 176 20.18 -15.15 0.50
CA LEU D 176 21.01 -14.94 -0.68
C LEU D 176 22.13 -15.94 -0.79
N GLY D 177 22.51 -16.53 0.34
CA GLY D 177 23.70 -17.41 0.35
C GLY D 177 24.67 -17.20 1.49
N ALA D 178 25.76 -17.97 1.48
CA ALA D 178 26.65 -18.17 2.65
C ALA D 178 27.48 -16.97 3.04
N ASP D 179 28.08 -16.32 2.05
CA ASP D 179 28.98 -15.19 2.26
C ASP D 179 28.23 -14.03 2.90
N HIS D 180 28.65 -13.62 4.10
CA HIS D 180 27.94 -12.59 4.83
C HIS D 180 27.96 -11.26 4.11
N GLY D 181 28.90 -11.10 3.21
CA GLY D 181 28.98 -9.83 2.51
C GLY D 181 27.91 -9.58 1.48
N LEU D 182 27.20 -10.61 1.05
CA LEU D 182 26.30 -10.46 -0.08
C LEU D 182 25.16 -9.46 0.13
N ALA D 183 24.51 -9.45 1.26
CA ALA D 183 23.42 -8.48 1.44
C ALA D 183 23.90 -7.05 1.19
N SER D 184 25.07 -6.70 1.70
CA SER D 184 25.62 -5.35 1.50
C SER D 184 25.89 -5.03 0.03
N LEU D 185 26.52 -5.97 -0.66
CA LEU D 185 26.71 -5.87 -2.07
C LEU D 185 25.41 -5.75 -2.87
N TYR D 186 24.37 -6.50 -2.52
CA TYR D 186 23.08 -6.38 -3.25
C TYR D 186 22.47 -5.01 -2.98
N ASP D 187 22.57 -4.55 -1.73
CA ASP D 187 22.04 -3.24 -1.36
C ASP D 187 22.79 -2.16 -2.18
N ALA D 188 24.12 -2.26 -2.26
CA ALA D 188 24.88 -1.31 -3.05
C ALA D 188 24.43 -1.32 -4.51
N ALA D 189 24.32 -2.48 -5.13
CA ALA D 189 23.87 -2.51 -6.53
C ALA D 189 22.51 -1.85 -6.72
N GLY D 190 21.63 -2.04 -5.74
CA GLY D 190 20.28 -1.51 -5.87
C GLY D 190 20.28 -0.03 -5.66
N LEU D 191 21.11 0.44 -4.71
CA LEU D 191 21.22 1.86 -4.45
C LEU D 191 21.82 2.64 -5.61
N VAL D 192 22.91 2.14 -6.18
CA VAL D 192 23.53 2.85 -7.29
C VAL D 192 22.57 2.91 -8.47
N MET D 193 21.75 1.87 -8.65
CA MET D 193 20.79 1.88 -9.74
C MET D 193 19.73 2.89 -9.47
N MET D 194 19.29 2.95 -8.21
CA MET D 194 18.27 3.91 -7.82
C MET D 194 18.77 5.36 -8.07
N TRP D 195 19.92 5.74 -7.52
CA TRP D 195 20.48 7.05 -7.77
C TRP D 195 20.70 7.33 -9.25
N SER D 196 21.12 6.30 -9.99
CA SER D 196 21.33 6.44 -11.42
C SER D 196 20.05 6.85 -12.14
N ILE D 197 18.96 6.21 -11.80
CA ILE D 197 17.68 6.49 -12.48
C ILE D 197 17.11 7.83 -12.12
N LEU D 198 17.21 8.21 -10.85
CA LEU D 198 16.68 9.47 -10.44
C LEU D 198 17.45 10.57 -11.12
N ASN D 199 18.77 10.43 -11.20
CA ASN D 199 19.59 11.46 -11.79
C ASN D 199 19.32 11.58 -13.27
N GLY D 200 19.14 10.46 -13.94
CA GLY D 200 18.76 10.47 -15.36
C GLY D 200 17.43 11.13 -15.60
N PHE D 201 16.52 10.90 -14.69
CA PHE D 201 15.23 11.56 -14.74
C PHE D 201 15.38 13.07 -14.59
N LEU D 202 16.23 13.50 -13.67
CA LEU D 202 16.39 14.92 -13.39
C LEU D 202 17.09 15.64 -14.55
N GLN D 203 18.12 15.02 -15.10
CA GLN D 203 18.72 15.52 -16.30
C GLN D 203 17.65 15.71 -17.37
N GLY D 204 16.80 14.71 -17.57
CA GLY D 204 15.73 14.81 -18.55
C GLY D 204 14.77 15.95 -18.29
N ALA D 205 14.33 16.08 -17.06
CA ALA D 205 13.31 17.06 -16.74
C ALA D 205 13.88 18.44 -16.97
N ALA D 206 15.15 18.62 -16.64
CA ALA D 206 15.82 19.91 -16.82
C ALA D 206 15.92 20.28 -18.31
N LEU D 207 16.28 19.33 -19.15
CA LEU D 207 16.35 19.54 -20.58
C LEU D 207 15.00 19.95 -21.16
N LEU D 208 13.96 19.14 -20.89
CA LEU D 208 12.60 19.43 -21.39
C LEU D 208 12.00 20.66 -20.74
N GLY D 209 12.41 20.95 -19.52
CA GLY D 209 11.95 22.16 -18.88
C GLY D 209 12.33 23.42 -19.61
N THR D 210 13.45 23.40 -20.32
CA THR D 210 13.91 24.59 -21.04
C THR D 210 12.88 25.04 -22.08
N ALA D 211 12.12 24.09 -22.58
CA ALA D 211 11.09 24.38 -23.57
C ALA D 211 9.72 24.50 -22.93
N GLY D 212 9.65 24.60 -21.61
CA GLY D 212 8.38 24.71 -20.94
C GLY D 212 7.56 23.42 -20.83
N VAL D 213 8.03 22.28 -21.33
CA VAL D 213 7.29 21.04 -21.02
C VAL D 213 7.47 20.65 -19.55
N ASP D 214 6.34 20.37 -18.91
CA ASP D 214 6.26 20.06 -17.45
C ASP D 214 6.77 18.67 -17.16
N ALA D 215 7.25 18.50 -15.93
CA ALA D 215 7.71 17.17 -15.51
C ALA D 215 6.59 16.15 -15.63
N THR D 216 5.38 16.51 -15.20
CA THR D 216 4.27 15.53 -15.21
C THR D 216 3.87 15.10 -16.60
N THR D 217 4.16 15.93 -17.62
CA THR D 217 3.92 15.55 -19.01
C THR D 217 4.95 14.52 -19.47
N PHE D 218 6.18 14.77 -19.01
CA PHE D 218 7.36 13.98 -19.34
C PHE D 218 7.30 12.57 -18.72
N ALA D 219 6.92 12.49 -17.43
CA ALA D 219 7.02 11.23 -16.66
C ALA D 219 6.50 9.96 -17.38
N PRO D 220 5.31 10.03 -17.93
CA PRO D 220 4.81 8.80 -18.54
C PRO D 220 5.62 8.37 -19.72
N PHE D 221 6.21 9.33 -20.41
CA PHE D 221 7.07 8.98 -21.52
C PHE D 221 8.27 8.22 -21.00
N ILE D 222 8.88 8.72 -19.92
CA ILE D 222 10.14 8.17 -19.48
C ILE D 222 9.96 6.78 -18.84
N THR D 223 8.89 6.58 -18.07
CA THR D 223 8.62 5.27 -17.49
C THR D 223 8.31 4.21 -18.56
N GLN D 224 7.64 4.55 -19.64
CA GLN D 224 7.52 3.55 -20.75
C GLN D 224 8.98 3.13 -21.17
N GLY D 225 9.89 4.09 -21.31
CA GLY D 225 11.27 3.78 -21.77
C GLY D 225 12.12 3.02 -20.79
N ILE D 226 11.98 3.38 -19.51
CA ILE D 226 12.67 2.65 -18.46
C ILE D 226 12.38 1.16 -18.57
N GLY D 227 11.10 0.82 -18.79
CA GLY D 227 10.69 -0.57 -19.00
C GLY D 227 11.36 -1.21 -20.22
N THR D 228 11.47 -0.47 -21.28
CA THR D 228 12.08 -1.07 -22.47
C THR D 228 13.53 -1.46 -22.24
N VAL D 229 14.25 -0.60 -21.51
CA VAL D 229 15.69 -0.79 -21.29
C VAL D 229 15.92 -1.95 -20.33
N ALA D 230 15.15 -1.96 -19.24
CA ALA D 230 15.15 -3.07 -18.28
C ALA D 230 15.04 -4.43 -18.97
N ASP D 231 14.18 -4.56 -19.98
CA ASP D 231 14.08 -5.85 -20.71
C ASP D 231 15.35 -6.22 -21.44
N TRP D 232 16.24 -5.28 -21.72
CA TRP D 232 17.52 -5.68 -22.35
C TRP D 232 18.51 -6.35 -21.42
N LEU D 233 18.33 -6.17 -20.10
CA LEU D 233 19.37 -6.53 -19.12
C LEU D 233 19.65 -8.05 -18.99
N PRO D 234 18.61 -8.89 -19.04
CA PRO D 234 18.93 -10.32 -18.98
C PRO D 234 19.88 -10.76 -20.08
N GLY D 235 19.70 -10.22 -21.27
CA GLY D 235 20.61 -10.47 -22.36
C GLY D 235 21.97 -9.90 -22.16
N TYR D 236 22.03 -8.74 -21.51
CA TYR D 236 23.34 -8.12 -21.25
C TYR D 236 24.11 -8.93 -20.18
N ALA D 237 23.34 -9.43 -19.21
CA ALA D 237 23.89 -10.32 -18.19
C ALA D 237 24.51 -11.56 -18.84
N ARG D 238 23.78 -12.21 -19.76
CA ARG D 238 24.35 -13.35 -20.48
C ARG D 238 25.65 -12.95 -21.14
N GLN D 239 25.68 -11.79 -21.79
CA GLN D 239 26.94 -11.41 -22.45
C GLN D 239 28.05 -11.25 -21.45
N ILE D 240 27.77 -10.59 -20.32
CA ILE D 240 28.79 -10.37 -19.27
C ILE D 240 29.30 -11.67 -18.65
N ASP D 241 28.44 -12.65 -18.44
CA ASP D 241 28.88 -13.94 -17.91
C ASP D 241 29.77 -14.81 -18.81
N ASP D 242 29.64 -14.72 -20.14
CA ASP D 242 30.72 -15.12 -21.07
C ASP D 242 31.48 -13.86 -21.26
N GLY D 243 32.59 -13.91 -21.95
CA GLY D 243 33.39 -12.69 -22.06
C GLY D 243 33.08 -12.09 -23.39
N ALA D 244 31.83 -12.22 -23.81
CA ALA D 244 31.47 -12.13 -25.22
C ALA D 244 30.53 -10.98 -25.44
N TYR D 245 31.03 -9.95 -26.15
CA TYR D 245 30.28 -8.71 -26.33
C TYR D 245 30.01 -8.38 -27.80
N PRO D 246 29.14 -9.16 -28.44
CA PRO D 246 28.76 -8.93 -29.84
C PRO D 246 28.00 -7.60 -30.08
N ALA D 247 28.26 -6.94 -31.21
CA ALA D 247 27.71 -5.61 -31.48
C ALA D 247 26.19 -5.57 -31.60
N ASP D 248 25.59 -6.62 -32.18
CA ASP D 248 24.13 -6.69 -32.42
C ASP D 248 23.60 -5.41 -33.13
N ASP D 249 24.31 -4.92 -34.18
CA ASP D 249 23.98 -3.65 -34.86
C ASP D 249 23.88 -2.43 -33.92
N ALA D 250 24.60 -2.47 -32.79
CA ALA D 250 24.50 -1.43 -31.74
C ALA D 250 25.82 -1.25 -30.98
N ALA D 251 26.91 -1.18 -31.72
CA ALA D 251 28.22 -1.14 -31.15
C ALA D 251 28.53 0.21 -30.51
N ILE D 252 29.45 0.19 -29.56
CA ILE D 252 29.84 1.37 -28.79
C ILE D 252 30.18 2.52 -29.71
N ASP D 253 30.84 2.23 -30.82
CA ASP D 253 31.18 3.26 -31.82
C ASP D 253 29.95 4.06 -32.25
N THR D 254 28.85 3.37 -32.50
CA THR D 254 27.64 4.04 -32.95
C THR D 254 26.95 4.89 -31.88
N HIS D 255 27.16 4.59 -30.59
CA HIS D 255 26.61 5.43 -29.48
C HIS D 255 27.29 6.80 -29.45
N LEU D 256 28.48 6.85 -30.02
CA LEU D 256 29.42 7.91 -29.68
C LEU D 256 28.93 9.27 -30.17
N ALA D 257 28.45 9.31 -31.40
CA ALA D 257 27.91 10.53 -32.00
C ALA D 257 26.75 11.11 -31.19
N THR D 258 25.86 10.22 -30.78
CA THR D 258 24.70 10.62 -30.00
C THR D 258 25.06 11.17 -28.65
N MET D 259 26.09 10.62 -28.02
CA MET D 259 26.54 11.13 -26.72
C MET D 259 27.10 12.55 -26.84
N GLU D 260 27.79 12.86 -27.94
CA GLU D 260 28.27 14.25 -28.21
C GLU D 260 27.06 15.23 -28.29
N HIS D 261 26.01 14.82 -29.00
CA HIS D 261 24.83 15.66 -29.09
C HIS D 261 24.24 15.95 -27.74
N LEU D 262 24.15 14.92 -26.89
CA LEU D 262 23.61 15.08 -25.54
C LEU D 262 24.41 16.12 -24.75
N ILE D 263 25.74 16.11 -24.97
CA ILE D 263 26.59 17.08 -24.31
C ILE D 263 26.36 18.48 -24.84
N HIS D 264 26.38 18.59 -26.17
CA HIS D 264 26.27 19.90 -26.84
C HIS D 264 24.94 20.51 -26.54
N GLU D 265 23.89 19.68 -26.62
CA GLU D 265 22.58 20.15 -26.20
C GLU D 265 22.57 20.70 -24.74
N SER D 266 23.14 19.92 -23.82
CA SER D 266 23.11 20.30 -22.41
C SER D 266 23.84 21.64 -22.19
N GLU D 267 25.04 21.73 -22.74
CA GLU D 267 25.83 22.95 -22.62
C GLU D 267 25.07 24.12 -23.19
N PHE D 268 24.60 23.97 -24.43
CA PHE D 268 23.97 25.04 -25.12
C PHE D 268 22.74 25.58 -24.39
N LEU D 269 21.95 24.72 -23.77
CA LEU D 269 20.72 25.18 -23.10
C LEU D 269 21.01 25.71 -21.68
N GLY D 270 22.26 25.61 -21.27
CA GLY D 270 22.68 26.10 -19.99
C GLY D 270 22.26 25.22 -18.85
N VAL D 271 22.01 23.92 -19.10
CA VAL D 271 21.73 22.97 -18.02
C VAL D 271 23.00 22.21 -17.73
N ASN D 272 23.02 21.47 -16.63
CA ASN D 272 24.22 20.76 -16.30
C ASN D 272 24.61 19.72 -17.33
N ALA D 273 25.91 19.62 -17.58
CA ALA D 273 26.43 18.65 -18.54
C ALA D 273 27.42 17.64 -17.95
N GLU D 274 27.54 17.61 -16.61
CA GLU D 274 28.49 16.69 -16.02
C GLU D 274 28.12 15.24 -16.29
N LEU D 275 26.84 14.92 -16.14
CA LEU D 275 26.41 13.54 -16.37
C LEU D 275 26.60 13.06 -17.83
N PRO D 276 26.18 13.86 -18.84
CA PRO D 276 26.47 13.47 -20.23
C PRO D 276 27.96 13.34 -20.54
N ARG D 277 28.77 14.25 -20.01
CA ARG D 277 30.24 14.13 -20.16
C ARG D 277 30.81 12.85 -19.55
N PHE D 278 30.34 12.50 -18.35
CA PHE D 278 30.76 11.27 -17.71
C PHE D 278 30.42 10.05 -18.57
N ILE D 279 29.20 10.01 -19.05
CA ILE D 279 28.79 8.92 -19.89
C ILE D 279 29.71 8.76 -21.11
N LYS D 280 30.09 9.89 -21.73
CA LYS D 280 30.91 9.88 -22.93
C LYS D 280 32.31 9.44 -22.54
N ALA D 281 32.85 10.00 -21.47
CA ALA D 281 34.16 9.56 -20.97
C ALA D 281 34.30 8.05 -20.95
N LEU D 282 33.39 7.36 -20.28
CA LEU D 282 33.49 5.90 -20.21
C LEU D 282 33.51 5.28 -21.59
N ALA D 283 32.64 5.70 -22.46
CA ALA D 283 32.64 5.12 -23.80
C ALA D 283 33.97 5.37 -24.57
N ASP D 284 34.58 6.53 -24.33
CA ASP D 284 35.88 6.82 -24.93
C ASP D 284 36.95 5.83 -24.52
N ARG D 285 37.08 5.61 -23.20
CA ARG D 285 37.98 4.61 -22.67
C ARG D 285 37.80 3.28 -23.37
N ALA D 286 36.55 2.84 -23.50
CA ALA D 286 36.31 1.53 -24.11
C ALA D 286 36.80 1.53 -25.54
N VAL D 287 36.63 2.66 -26.22
CA VAL D 287 37.07 2.78 -27.60
C VAL D 287 38.59 2.70 -27.62
N ALA D 288 39.22 3.43 -26.70
CA ALA D 288 40.66 3.42 -26.57
C ALA D 288 41.28 2.06 -26.22
N ASP D 289 40.52 1.06 -25.77
CA ASP D 289 41.10 -0.26 -25.54
C ASP D 289 40.61 -1.10 -26.65
N GLY D 290 40.23 -0.46 -27.74
CA GLY D 290 39.78 -1.15 -28.92
C GLY D 290 38.52 -1.96 -28.76
N HIS D 291 37.62 -1.54 -27.88
CA HIS D 291 36.32 -2.23 -27.78
C HIS D 291 35.23 -1.45 -28.49
N GLY D 292 35.64 -0.45 -29.27
CA GLY D 292 34.74 0.32 -30.16
C GLY D 292 33.73 -0.55 -30.89
N GLY D 293 34.21 -1.70 -31.39
CA GLY D 293 33.37 -2.60 -32.14
C GLY D 293 32.44 -3.48 -31.34
N SER D 294 32.56 -3.47 -30.01
CA SER D 294 31.74 -4.36 -29.18
C SER D 294 30.43 -3.73 -28.75
N GLY D 295 29.47 -4.55 -28.32
CA GLY D 295 28.24 -4.05 -27.71
C GLY D 295 28.50 -3.24 -26.43
N TYR D 296 27.46 -2.54 -25.94
CA TYR D 296 27.61 -1.65 -24.78
C TYR D 296 28.09 -2.43 -23.54
N PRO D 297 27.72 -3.72 -23.40
CA PRO D 297 28.12 -4.37 -22.16
C PRO D 297 29.57 -4.62 -22.03
N ALA D 298 30.35 -4.40 -23.06
CA ALA D 298 31.79 -4.44 -22.89
C ALA D 298 32.29 -3.36 -21.94
N LEU D 299 31.46 -2.40 -21.61
CA LEU D 299 31.88 -1.39 -20.66
C LEU D 299 32.05 -1.93 -19.22
N ILE D 300 31.55 -3.14 -18.95
CA ILE D 300 31.83 -3.78 -17.66
C ILE D 300 33.32 -3.67 -17.32
N GLU D 301 34.21 -3.77 -18.30
CA GLU D 301 35.66 -3.63 -18.02
C GLU D 301 36.05 -2.27 -17.45
N GLN D 302 35.30 -1.24 -17.81
CA GLN D 302 35.55 0.09 -17.27
C GLN D 302 35.10 0.19 -15.84
N PHE D 303 34.01 -0.50 -15.54
CA PHE D 303 33.46 -0.53 -14.20
C PHE D 303 34.22 -1.45 -13.24
N ARG D 304 34.95 -2.39 -13.80
CA ARG D 304 35.86 -3.17 -13.05
C ARG D 304 37.22 -2.56 -12.65
N THR D 305 37.69 -1.48 -13.26
CA THR D 305 39.07 -1.00 -12.97
C THR D 305 39.11 0.42 -12.43
N HIS D 306 40.32 0.85 -12.03
CA HIS D 306 40.62 1.92 -11.05
C HIS D 306 40.47 1.41 -9.57
#